data_1HIO
# 
_entry.id   1HIO 
# 
_audit_conform.dict_name       mmcif_pdbx.dic 
_audit_conform.dict_version    5.386 
_audit_conform.dict_location   http://mmcif.pdb.org/dictionaries/ascii/mmcif_pdbx.dic 
# 
loop_
_database_2.database_id 
_database_2.database_code 
_database_2.pdbx_database_accession 
_database_2.pdbx_DOI 
PDB   1HIO         pdb_00001hio 10.2210/pdb1hio/pdb 
WWPDB D_1000173871 ?            ?                   
# 
loop_
_pdbx_audit_revision_history.ordinal 
_pdbx_audit_revision_history.data_content_type 
_pdbx_audit_revision_history.major_revision 
_pdbx_audit_revision_history.minor_revision 
_pdbx_audit_revision_history.revision_date 
1 'Structure model' 1 0 1998-11-25 
2 'Structure model' 1 1 2008-03-24 
3 'Structure model' 1 2 2011-07-13 
4 'Structure model' 1 3 2024-02-07 
# 
_pdbx_audit_revision_details.ordinal             1 
_pdbx_audit_revision_details.revision_ordinal    1 
_pdbx_audit_revision_details.data_content_type   'Structure model' 
_pdbx_audit_revision_details.provider            repository 
_pdbx_audit_revision_details.type                'Initial release' 
_pdbx_audit_revision_details.description         ? 
_pdbx_audit_revision_details.details             ? 
# 
loop_
_pdbx_audit_revision_group.ordinal 
_pdbx_audit_revision_group.revision_ordinal 
_pdbx_audit_revision_group.data_content_type 
_pdbx_audit_revision_group.group 
1 2 'Structure model' 'Version format compliance' 
2 3 'Structure model' 'Version format compliance' 
3 4 'Structure model' 'Data collection'           
4 4 'Structure model' 'Database references'       
5 4 'Structure model' Other                       
# 
loop_
_pdbx_audit_revision_category.ordinal 
_pdbx_audit_revision_category.revision_ordinal 
_pdbx_audit_revision_category.data_content_type 
_pdbx_audit_revision_category.category 
1 4 'Structure model' chem_comp_atom       
2 4 'Structure model' chem_comp_bond       
3 4 'Structure model' database_2           
4 4 'Structure model' pdbx_database_status 
5 4 'Structure model' struct_ref_seq_dif   
# 
loop_
_pdbx_audit_revision_item.ordinal 
_pdbx_audit_revision_item.revision_ordinal 
_pdbx_audit_revision_item.data_content_type 
_pdbx_audit_revision_item.item 
1 4 'Structure model' '_database_2.pdbx_DOI'                
2 4 'Structure model' '_database_2.pdbx_database_accession' 
3 4 'Structure model' '_pdbx_database_status.process_site'  
4 4 'Structure model' '_struct_ref_seq_dif.details'         
# 
_pdbx_database_status.status_code                     REL 
_pdbx_database_status.entry_id                        1HIO 
_pdbx_database_status.recvd_initial_deposition_date   1991-09-19 
_pdbx_database_status.deposit_site                    ? 
_pdbx_database_status.process_site                    BNL 
_pdbx_database_status.SG_entry                        . 
_pdbx_database_status.pdb_format_compatible           Y 
_pdbx_database_status.status_code_mr                  ? 
_pdbx_database_status.status_code_sf                  ? 
_pdbx_database_status.status_code_cs                  ? 
_pdbx_database_status.status_code_nmr_data            ? 
_pdbx_database_status.methods_development_category    ? 
# 
loop_
_audit_author.name 
_audit_author.pdbx_ordinal 
'Arents, G.'         1 
'Moudrianakis, E.N.' 2 
# 
loop_
_citation.id 
_citation.title 
_citation.journal_abbrev 
_citation.journal_volume 
_citation.page_first 
_citation.page_last 
_citation.year 
_citation.journal_id_ASTM 
_citation.country 
_citation.journal_id_ISSN 
_citation.journal_id_CSD 
_citation.book_publisher 
_citation.pdbx_database_id_PubMed 
_citation.pdbx_database_id_DOI 
primary 'The nucleosomal core histone octamer at 3.1 A resolution: a tripartite protein assembly and a left-handed superhelix.' 
Proc.Natl.Acad.Sci.USA  88  10148 10152 1991 PNASA6 US 0027-8424 0040 ? 1946434 10.1073/pnas.88.22.10148 
1       'Spectropolarimetric Analysis of the Core Histone Octamer and its Subunits' Biochemistry            29  965   ?     1990 
BICHAW US 0006-2960 0033 ? ?       ?                        
2       'Crystallographic Structure of the Octameric Histone Core of the Nucleosome at a Resolution of 3.3 A' Science 228 546   ? 
1985 SCIEAS US 0036-8075 0038 ? ?       ?                        
3       'Crystals of the Octameric Histone Core of the Nucleosome' Science                 223 413   ?     1984 SCIEAS US 
0036-8075 0038 ? ?       ?                        
4       
'Reversible Association of Calf Thymus Histones to Form the Symmetrical Octamer (H2Ah2Bh3H4)2: A Case of a Mixed-Associating System' 
Biochemistry            19  1339  ?     1980 BICHAW US 0006-2960 0033 ? ?       ?                        
5       'The Histone Core Complex: An Octamer Assembled by Two Sets of Protein-Protein Interactions' Biochemistry            17  
4955  ?     1978 BICHAW US 0006-2960 0033 ? ?       ?                        
6       'The Compaction of DNA Helices Into Either Continuous Supercoils or Folded-Fiber Rods and Toroids' 'Cell(Cambridge,Mass.)' 
13  295   ?     1978 CELLB5 US 0092-8674 0998 ? ?       ?                        
# 
loop_
_citation_author.citation_id 
_citation_author.name 
_citation_author.ordinal 
_citation_author.identifier_ORCID 
primary 'Arents, G.'         1  ? 
primary 'Burlingame, R.W.'   2  ? 
primary 'Wang, B.C.'         3  ? 
primary 'Love, W.E.'         4  ? 
primary 'Moudrianakis, E.N.' 5  ? 
1       'Godfrey, J.E.'      6  ? 
1       'Baxevanis, A.D.'    7  ? 
1       'Moudrianakis, E.N.' 8  ? 
2       'Burlingame, R.W.'   9  ? 
2       'Love, W.E.'         10 ? 
2       'Wang, B.C.'         11 ? 
2       'Hamlin, R.'         12 ? 
2       'Xuong, N.H.'        13 ? 
2       'Moudrianakis, E.N.' 14 ? 
3       'Burlingame, R.W.'   15 ? 
3       'Love, W.E.'         16 ? 
3       'Moudrianakis, E.N.' 17 ? 
4       'Godfrey, J.E.'      18 ? 
4       'Eickbush, T.H.'     19 ? 
4       'Moudrianakis, E.N.' 20 ? 
5       'Eickbush, T.H.'     21 ? 
5       'Moudrianakis, E.N.' 22 ? 
6       'Eickbush, T.H.'     23 ? 
6       'Moudrianakis, E.N.' 24 ? 
# 
loop_
_entity.id 
_entity.type 
_entity.src_method 
_entity.pdbx_description 
_entity.formula_weight 
_entity.pdbx_number_of_molecules 
_entity.pdbx_ec 
_entity.pdbx_mutation 
_entity.pdbx_fragment 
_entity.details 
1 polymer nat 'HISTONE H2A' 10401.095 1 ? ? ? ? 
2 polymer nat 'HISTONE H2B' 9910.378  1 ? ? ? ? 
3 polymer nat 'HISTONE H3'  10776.571 1 ? ? ? ? 
4 polymer nat 'HISTONE H4'  8568.044  1 ? ? ? ? 
# 
loop_
_entity_poly.entity_id 
_entity_poly.type 
_entity_poly.nstd_linkage 
_entity_poly.nstd_monomer 
_entity_poly.pdbx_seq_one_letter_code 
_entity_poly.pdbx_seq_one_letter_code_can 
_entity_poly.pdbx_strand_id 
_entity_poly.pdbx_target_identifier 
1 'polypeptide(L)' no no 
;KSRSSRAGLQFPVGRVHRLLRKGNYAERVGAGAPVYLAAVLEYLTAEILELAGNAARDNKKTRIIPRHLQLAIRNDEELN
KLLGKVTIAQGGVLP
;
;KSRSSRAGLQFPVGRVHRLLRKGNYAERVGAGAPVYLAAVLEYLTAEILELAGNAARDNKKTRIIPRHLQLAIRNDEELN
KLLGKVTIAQGGVLP
;
A ? 
2 'polypeptide(L)' no no 
;SYSIYVYKVLKQVHPDTGISSKAMGSMNSFVNDIFERIAGLASRLAHYNKRSTITSREIQTAVRLLLPGELAKHAVSEGT
KAVTKHTSSK
;
;SYSIYVYKVLKQVHPDTGISSKAMGSMNSFVNDIFERIAGLASRLAHYNKRSTITSREIQTAVRLLLPGELAKHAVSEGT
KAVTKHTSSK
;
B ? 
3 'polypeptide(L)' no no 
;PGTVALREIRRYQKSTELLIRKLPFQRLVREIAQDFKTDLRFQSSAVMALQEASEAYLVGLFEDTNLCAIHAKRVTIMPK
DIELARRIRGERA
;
;PGTVALREIRRYQKSTELLIRKLPFQRLVREIAQDFKTDLRFQSSAVMALQEASEAYLVGLFEDTNLCAIHAKRVTIMPK
DIELARRIRGERA
;
C ? 
4 'polypeptide(L)' no no QGITKPAIRRLARRGGVKRISGLIYEETRGVLKVFLENVIRDAVTYTEHAKRKTVTAMDVVYALKRQGRTLYGFGG                       
QGITKPAIRRLARRGGVKRISGLIYEETRGVLKVFLENVIRDAVTYTEHAKRKTVTAMDVVYALKRQGRTLYGFGG                       D ? 
# 
loop_
_entity_poly_seq.entity_id 
_entity_poly_seq.num 
_entity_poly_seq.mon_id 
_entity_poly_seq.hetero 
1 1  LYS n 
1 2  SER n 
1 3  ARG n 
1 4  SER n 
1 5  SER n 
1 6  ARG n 
1 7  ALA n 
1 8  GLY n 
1 9  LEU n 
1 10 GLN n 
1 11 PHE n 
1 12 PRO n 
1 13 VAL n 
1 14 GLY n 
1 15 ARG n 
1 16 VAL n 
1 17 HIS n 
1 18 ARG n 
1 19 LEU n 
1 20 LEU n 
1 21 ARG n 
1 22 LYS n 
1 23 GLY n 
1 24 ASN n 
1 25 TYR n 
1 26 ALA n 
1 27 GLU n 
1 28 ARG n 
1 29 VAL n 
1 30 GLY n 
1 31 ALA n 
1 32 GLY n 
1 33 ALA n 
1 34 PRO n 
1 35 VAL n 
1 36 TYR n 
1 37 LEU n 
1 38 ALA n 
1 39 ALA n 
1 40 VAL n 
1 41 LEU n 
1 42 GLU n 
1 43 TYR n 
1 44 LEU n 
1 45 THR n 
1 46 ALA n 
1 47 GLU n 
1 48 ILE n 
1 49 LEU n 
1 50 GLU n 
1 51 LEU n 
1 52 ALA n 
1 53 GLY n 
1 54 ASN n 
1 55 ALA n 
1 56 ALA n 
1 57 ARG n 
1 58 ASP n 
1 59 ASN n 
1 60 LYS n 
1 61 LYS n 
1 62 THR n 
1 63 ARG n 
1 64 ILE n 
1 65 ILE n 
1 66 PRO n 
1 67 ARG n 
1 68 HIS n 
1 69 LEU n 
1 70 GLN n 
1 71 LEU n 
1 72 ALA n 
1 73 ILE n 
1 74 ARG n 
1 75 ASN n 
1 76 ASP n 
1 77 GLU n 
1 78 GLU n 
1 79 LEU n 
1 80 ASN n 
1 81 LYS n 
1 82 LEU n 
1 83 LEU n 
1 84 GLY n 
1 85 LYS n 
1 86 VAL n 
1 87 THR n 
1 88 ILE n 
1 89 ALA n 
1 90 GLN n 
1 91 GLY n 
1 92 GLY n 
1 93 VAL n 
1 94 LEU n 
1 95 PRO n 
2 1  SER n 
2 2  TYR n 
2 3  SER n 
2 4  ILE n 
2 5  TYR n 
2 6  VAL n 
2 7  TYR n 
2 8  LYS n 
2 9  VAL n 
2 10 LEU n 
2 11 LYS n 
2 12 GLN n 
2 13 VAL n 
2 14 HIS n 
2 15 PRO n 
2 16 ASP n 
2 17 THR n 
2 18 GLY n 
2 19 ILE n 
2 20 SER n 
2 21 SER n 
2 22 LYS n 
2 23 ALA n 
2 24 MET n 
2 25 GLY n 
2 26 SER n 
2 27 MET n 
2 28 ASN n 
2 29 SER n 
2 30 PHE n 
2 31 VAL n 
2 32 ASN n 
2 33 ASP n 
2 34 ILE n 
2 35 PHE n 
2 36 GLU n 
2 37 ARG n 
2 38 ILE n 
2 39 ALA n 
2 40 GLY n 
2 41 LEU n 
2 42 ALA n 
2 43 SER n 
2 44 ARG n 
2 45 LEU n 
2 46 ALA n 
2 47 HIS n 
2 48 TYR n 
2 49 ASN n 
2 50 LYS n 
2 51 ARG n 
2 52 SER n 
2 53 THR n 
2 54 ILE n 
2 55 THR n 
2 56 SER n 
2 57 ARG n 
2 58 GLU n 
2 59 ILE n 
2 60 GLN n 
2 61 THR n 
2 62 ALA n 
2 63 VAL n 
2 64 ARG n 
2 65 LEU n 
2 66 LEU n 
2 67 LEU n 
2 68 PRO n 
2 69 GLY n 
2 70 GLU n 
2 71 LEU n 
2 72 ALA n 
2 73 LYS n 
2 74 HIS n 
2 75 ALA n 
2 76 VAL n 
2 77 SER n 
2 78 GLU n 
2 79 GLY n 
2 80 THR n 
2 81 LYS n 
2 82 ALA n 
2 83 VAL n 
2 84 THR n 
2 85 LYS n 
2 86 HIS n 
2 87 THR n 
2 88 SER n 
2 89 SER n 
2 90 LYS n 
3 1  PRO n 
3 2  GLY n 
3 3  THR n 
3 4  VAL n 
3 5  ALA n 
3 6  LEU n 
3 7  ARG n 
3 8  GLU n 
3 9  ILE n 
3 10 ARG n 
3 11 ARG n 
3 12 TYR n 
3 13 GLN n 
3 14 LYS n 
3 15 SER n 
3 16 THR n 
3 17 GLU n 
3 18 LEU n 
3 19 LEU n 
3 20 ILE n 
3 21 ARG n 
3 22 LYS n 
3 23 LEU n 
3 24 PRO n 
3 25 PHE n 
3 26 GLN n 
3 27 ARG n 
3 28 LEU n 
3 29 VAL n 
3 30 ARG n 
3 31 GLU n 
3 32 ILE n 
3 33 ALA n 
3 34 GLN n 
3 35 ASP n 
3 36 PHE n 
3 37 LYS n 
3 38 THR n 
3 39 ASP n 
3 40 LEU n 
3 41 ARG n 
3 42 PHE n 
3 43 GLN n 
3 44 SER n 
3 45 SER n 
3 46 ALA n 
3 47 VAL n 
3 48 MET n 
3 49 ALA n 
3 50 LEU n 
3 51 GLN n 
3 52 GLU n 
3 53 ALA n 
3 54 SER n 
3 55 GLU n 
3 56 ALA n 
3 57 TYR n 
3 58 LEU n 
3 59 VAL n 
3 60 GLY n 
3 61 LEU n 
3 62 PHE n 
3 63 GLU n 
3 64 ASP n 
3 65 THR n 
3 66 ASN n 
3 67 LEU n 
3 68 CYS n 
3 69 ALA n 
3 70 ILE n 
3 71 HIS n 
3 72 ALA n 
3 73 LYS n 
3 74 ARG n 
3 75 VAL n 
3 76 THR n 
3 77 ILE n 
3 78 MET n 
3 79 PRO n 
3 80 LYS n 
3 81 ASP n 
3 82 ILE n 
3 83 GLU n 
3 84 LEU n 
3 85 ALA n 
3 86 ARG n 
3 87 ARG n 
3 88 ILE n 
3 89 ARG n 
3 90 GLY n 
3 91 GLU n 
3 92 ARG n 
3 93 ALA n 
4 1  GLN n 
4 2  GLY n 
4 3  ILE n 
4 4  THR n 
4 5  LYS n 
4 6  PRO n 
4 7  ALA n 
4 8  ILE n 
4 9  ARG n 
4 10 ARG n 
4 11 LEU n 
4 12 ALA n 
4 13 ARG n 
4 14 ARG n 
4 15 GLY n 
4 16 GLY n 
4 17 VAL n 
4 18 LYS n 
4 19 ARG n 
4 20 ILE n 
4 21 SER n 
4 22 GLY n 
4 23 LEU n 
4 24 ILE n 
4 25 TYR n 
4 26 GLU n 
4 27 GLU n 
4 28 THR n 
4 29 ARG n 
4 30 GLY n 
4 31 VAL n 
4 32 LEU n 
4 33 LYS n 
4 34 VAL n 
4 35 PHE n 
4 36 LEU n 
4 37 GLU n 
4 38 ASN n 
4 39 VAL n 
4 40 ILE n 
4 41 ARG n 
4 42 ASP n 
4 43 ALA n 
4 44 VAL n 
4 45 THR n 
4 46 TYR n 
4 47 THR n 
4 48 GLU n 
4 49 HIS n 
4 50 ALA n 
4 51 LYS n 
4 52 ARG n 
4 53 LYS n 
4 54 THR n 
4 55 VAL n 
4 56 THR n 
4 57 ALA n 
4 58 MET n 
4 59 ASP n 
4 60 VAL n 
4 61 VAL n 
4 62 TYR n 
4 63 ALA n 
4 64 LEU n 
4 65 LYS n 
4 66 ARG n 
4 67 GLN n 
4 68 GLY n 
4 69 ARG n 
4 70 THR n 
4 71 LEU n 
4 72 TYR n 
4 73 GLY n 
4 74 PHE n 
4 75 GLY n 
4 76 GLY n 
# 
loop_
_entity_src_nat.entity_id 
_entity_src_nat.pdbx_src_id 
_entity_src_nat.pdbx_alt_source_flag 
_entity_src_nat.pdbx_beg_seq_num 
_entity_src_nat.pdbx_end_seq_num 
_entity_src_nat.common_name 
_entity_src_nat.pdbx_organism_scientific 
_entity_src_nat.pdbx_ncbi_taxonomy_id 
_entity_src_nat.genus 
_entity_src_nat.species 
_entity_src_nat.strain 
_entity_src_nat.tissue 
_entity_src_nat.tissue_fraction 
_entity_src_nat.pdbx_secretion 
_entity_src_nat.pdbx_fragment 
_entity_src_nat.pdbx_variant 
_entity_src_nat.pdbx_cell_line 
_entity_src_nat.pdbx_atcc 
_entity_src_nat.pdbx_cellular_location 
_entity_src_nat.pdbx_organ 
_entity_src_nat.pdbx_organelle 
_entity_src_nat.pdbx_cell 
_entity_src_nat.pdbx_plasmid_name 
_entity_src_nat.pdbx_plasmid_details 
_entity_src_nat.details 
1 1 sample ? ? chicken 'Gallus gallus' 9031 Gallus ? ? ? ? ? ? ? ? ? ? THYMUS ? ? ? ? ? 
2 1 sample ? ? chicken 'Gallus gallus' 9031 Gallus ? ? ? ? ? ? ? ? ? ? THYMUS ? ? ? ? ? 
3 1 sample ? ? chicken 'Gallus gallus' 9031 Gallus ? ? ? ? ? ? ? ? ? ? THYMUS ? ? ? ? ? 
4 1 sample ? ? chicken 'Gallus gallus' 9031 Gallus ? ? ? ? ? ? ? ? ? ? THYMUS ? ? ? ? ? 
# 
loop_
_chem_comp.id 
_chem_comp.type 
_chem_comp.mon_nstd_flag 
_chem_comp.name 
_chem_comp.pdbx_synonyms 
_chem_comp.formula 
_chem_comp.formula_weight 
ALA 'L-peptide linking' y ALANINE         ? 'C3 H7 N O2'     89.093  
ARG 'L-peptide linking' y ARGININE        ? 'C6 H15 N4 O2 1' 175.209 
ASN 'L-peptide linking' y ASPARAGINE      ? 'C4 H8 N2 O3'    132.118 
ASP 'L-peptide linking' y 'ASPARTIC ACID' ? 'C4 H7 N O4'     133.103 
CYS 'L-peptide linking' y CYSTEINE        ? 'C3 H7 N O2 S'   121.158 
GLN 'L-peptide linking' y GLUTAMINE       ? 'C5 H10 N2 O3'   146.144 
GLU 'L-peptide linking' y 'GLUTAMIC ACID' ? 'C5 H9 N O4'     147.129 
GLY 'peptide linking'   y GLYCINE         ? 'C2 H5 N O2'     75.067  
HIS 'L-peptide linking' y HISTIDINE       ? 'C6 H10 N3 O2 1' 156.162 
ILE 'L-peptide linking' y ISOLEUCINE      ? 'C6 H13 N O2'    131.173 
LEU 'L-peptide linking' y LEUCINE         ? 'C6 H13 N O2'    131.173 
LYS 'L-peptide linking' y LYSINE          ? 'C6 H15 N2 O2 1' 147.195 
MET 'L-peptide linking' y METHIONINE      ? 'C5 H11 N O2 S'  149.211 
PHE 'L-peptide linking' y PHENYLALANINE   ? 'C9 H11 N O2'    165.189 
PRO 'L-peptide linking' y PROLINE         ? 'C5 H9 N O2'     115.130 
SER 'L-peptide linking' y SERINE          ? 'C3 H7 N O3'     105.093 
THR 'L-peptide linking' y THREONINE       ? 'C4 H9 N O3'     119.119 
TYR 'L-peptide linking' y TYROSINE        ? 'C9 H11 N O3'    181.189 
VAL 'L-peptide linking' y VALINE          ? 'C5 H11 N O2'    117.146 
# 
loop_
_pdbx_poly_seq_scheme.asym_id 
_pdbx_poly_seq_scheme.entity_id 
_pdbx_poly_seq_scheme.seq_id 
_pdbx_poly_seq_scheme.mon_id 
_pdbx_poly_seq_scheme.ndb_seq_num 
_pdbx_poly_seq_scheme.pdb_seq_num 
_pdbx_poly_seq_scheme.auth_seq_num 
_pdbx_poly_seq_scheme.pdb_mon_id 
_pdbx_poly_seq_scheme.auth_mon_id 
_pdbx_poly_seq_scheme.pdb_strand_id 
_pdbx_poly_seq_scheme.pdb_ins_code 
_pdbx_poly_seq_scheme.hetero 
A 1 1  LYS 1  15  15  LYS LYS A . n 
A 1 2  SER 2  16  16  SER SER A . n 
A 1 3  ARG 3  17  17  ARG ARG A . n 
A 1 4  SER 4  18  18  SER SER A . n 
A 1 5  SER 5  19  19  SER SER A . n 
A 1 6  ARG 6  20  20  ARG ARG A . n 
A 1 7  ALA 7  21  21  ALA ALA A . n 
A 1 8  GLY 8  22  22  GLY GLY A . n 
A 1 9  LEU 9  23  23  LEU LEU A . n 
A 1 10 GLN 10 24  24  GLN GLN A . n 
A 1 11 PHE 11 25  25  PHE PHE A . n 
A 1 12 PRO 12 26  26  PRO PRO A . n 
A 1 13 VAL 13 27  27  VAL VAL A . n 
A 1 14 GLY 14 28  28  GLY GLY A . n 
A 1 15 ARG 15 29  29  ARG ARG A . n 
A 1 16 VAL 16 30  30  VAL VAL A . n 
A 1 17 HIS 17 31  31  HIS HIS A . n 
A 1 18 ARG 18 32  32  ARG ARG A . n 
A 1 19 LEU 19 33  33  LEU LEU A . n 
A 1 20 LEU 20 34  34  LEU LEU A . n 
A 1 21 ARG 21 35  35  ARG ARG A . n 
A 1 22 LYS 22 36  36  LYS LYS A . n 
A 1 23 GLY 23 37  37  GLY GLY A . n 
A 1 24 ASN 24 38  38  ASN ASN A . n 
A 1 25 TYR 25 39  39  TYR TYR A . n 
A 1 26 ALA 26 40  40  ALA ALA A . n 
A 1 27 GLU 27 41  41  GLU GLU A . n 
A 1 28 ARG 28 42  42  ARG ARG A . n 
A 1 29 VAL 29 43  43  VAL VAL A . n 
A 1 30 GLY 30 44  44  GLY GLY A . n 
A 1 31 ALA 31 45  45  ALA ALA A . n 
A 1 32 GLY 32 46  46  GLY GLY A . n 
A 1 33 ALA 33 47  47  ALA ALA A . n 
A 1 34 PRO 34 48  48  PRO PRO A . n 
A 1 35 VAL 35 49  49  VAL VAL A . n 
A 1 36 TYR 36 50  50  TYR TYR A . n 
A 1 37 LEU 37 51  51  LEU LEU A . n 
A 1 38 ALA 38 52  52  ALA ALA A . n 
A 1 39 ALA 39 53  53  ALA ALA A . n 
A 1 40 VAL 40 54  54  VAL VAL A . n 
A 1 41 LEU 41 55  55  LEU LEU A . n 
A 1 42 GLU 42 56  56  GLU GLU A . n 
A 1 43 TYR 43 57  57  TYR TYR A . n 
A 1 44 LEU 44 58  58  LEU LEU A . n 
A 1 45 THR 45 59  59  THR THR A . n 
A 1 46 ALA 46 60  60  ALA ALA A . n 
A 1 47 GLU 47 61  61  GLU GLU A . n 
A 1 48 ILE 48 62  62  ILE ILE A . n 
A 1 49 LEU 49 63  63  LEU LEU A . n 
A 1 50 GLU 50 64  64  GLU GLU A . n 
A 1 51 LEU 51 65  65  LEU LEU A . n 
A 1 52 ALA 52 66  66  ALA ALA A . n 
A 1 53 GLY 53 67  67  GLY GLY A . n 
A 1 54 ASN 54 68  68  ASN ASN A . n 
A 1 55 ALA 55 69  69  ALA ALA A . n 
A 1 56 ALA 56 70  70  ALA ALA A . n 
A 1 57 ARG 57 71  71  ARG ARG A . n 
A 1 58 ASP 58 72  72  ASP ASP A . n 
A 1 59 ASN 59 73  73  ASN ASN A . n 
A 1 60 LYS 60 74  74  LYS LYS A . n 
A 1 61 LYS 61 75  75  LYS LYS A . n 
A 1 62 THR 62 76  76  THR THR A . n 
A 1 63 ARG 63 77  77  ARG ARG A . n 
A 1 64 ILE 64 78  78  ILE ILE A . n 
A 1 65 ILE 65 79  79  ILE ILE A . n 
A 1 66 PRO 66 80  80  PRO PRO A . n 
A 1 67 ARG 67 81  81  ARG ARG A . n 
A 1 68 HIS 68 82  82  HIS HIS A . n 
A 1 69 LEU 69 83  83  LEU LEU A . n 
A 1 70 GLN 70 84  84  GLN GLN A . n 
A 1 71 LEU 71 85  85  LEU LEU A . n 
A 1 72 ALA 72 86  86  ALA ALA A . n 
A 1 73 ILE 73 87  87  ILE ILE A . n 
A 1 74 ARG 74 88  88  ARG ARG A . n 
A 1 75 ASN 75 89  89  ASN ASN A . n 
A 1 76 ASP 76 90  90  ASP ASP A . n 
A 1 77 GLU 77 91  91  GLU GLU A . n 
A 1 78 GLU 78 92  92  GLU GLU A . n 
A 1 79 LEU 79 93  93  LEU LEU A . n 
A 1 80 ASN 80 94  94  ASN ASN A . n 
A 1 81 LYS 81 95  95  LYS LYS A . n 
A 1 82 LEU 82 96  96  LEU LEU A . n 
A 1 83 LEU 83 97  97  LEU LEU A . n 
A 1 84 GLY 84 98  98  GLY GLY A . n 
A 1 85 LYS 85 99  99  LYS LYS A . n 
A 1 86 VAL 86 100 100 VAL VAL A . n 
A 1 87 THR 87 101 101 THR THR A . n 
A 1 88 ILE 88 102 102 ILE ILE A . n 
A 1 89 ALA 89 103 103 ALA ALA A . n 
A 1 90 GLN 90 104 104 GLN GLN A . n 
A 1 91 GLY 91 105 105 GLY GLY A . n 
A 1 92 GLY 92 106 106 GLY GLY A . n 
A 1 93 VAL 93 107 107 VAL VAL A . n 
A 1 94 LEU 94 108 108 LEU LEU A . n 
A 1 95 PRO 95 109 109 PRO PRO A . n 
B 2 1  SER 1  36  36  SER SER B . n 
B 2 2  TYR 2  37  37  TYR TYR B . n 
B 2 3  SER 3  38  38  SER SER B . n 
B 2 4  ILE 4  39  39  ILE ILE B . n 
B 2 5  TYR 5  40  40  TYR TYR B . n 
B 2 6  VAL 6  41  41  VAL VAL B . n 
B 2 7  TYR 7  42  42  TYR TYR B . n 
B 2 8  LYS 8  43  43  LYS LYS B . n 
B 2 9  VAL 9  44  44  VAL VAL B . n 
B 2 10 LEU 10 45  45  LEU LEU B . n 
B 2 11 LYS 11 46  46  LYS LYS B . n 
B 2 12 GLN 12 47  47  GLN GLN B . n 
B 2 13 VAL 13 48  48  VAL VAL B . n 
B 2 14 HIS 14 49  49  HIS HIS B . n 
B 2 15 PRO 15 50  50  PRO PRO B . n 
B 2 16 ASP 16 51  51  ASP ASP B . n 
B 2 17 THR 17 52  52  THR THR B . n 
B 2 18 GLY 18 53  53  GLY GLY B . n 
B 2 19 ILE 19 54  54  ILE ILE B . n 
B 2 20 SER 20 55  55  SER SER B . n 
B 2 21 SER 21 56  56  SER SER B . n 
B 2 22 LYS 22 57  57  LYS LYS B . n 
B 2 23 ALA 23 58  58  ALA ALA B . n 
B 2 24 MET 24 59  59  MET MET B . n 
B 2 25 GLY 25 60  60  GLY GLY B . n 
B 2 26 SER 26 61  61  SER SER B . n 
B 2 27 MET 27 62  62  MET MET B . n 
B 2 28 ASN 28 63  63  ASN ASN B . n 
B 2 29 SER 29 64  64  SER SER B . n 
B 2 30 PHE 30 65  65  PHE PHE B . n 
B 2 31 VAL 31 66  66  VAL VAL B . n 
B 2 32 ASN 32 67  67  ASN ASN B . n 
B 2 33 ASP 33 68  68  ASP ASP B . n 
B 2 34 ILE 34 69  69  ILE ILE B . n 
B 2 35 PHE 35 70  70  PHE PHE B . n 
B 2 36 GLU 36 71  71  GLU GLU B . n 
B 2 37 ARG 37 72  72  ARG ARG B . n 
B 2 38 ILE 38 73  73  ILE ILE B . n 
B 2 39 ALA 39 74  74  ALA ALA B . n 
B 2 40 GLY 40 75  75  GLY GLY B . n 
B 2 41 LEU 41 76  76  LEU LEU B . n 
B 2 42 ALA 42 77  77  ALA ALA B . n 
B 2 43 SER 43 78  78  SER SER B . n 
B 2 44 ARG 44 79  79  ARG ARG B . n 
B 2 45 LEU 45 80  80  LEU LEU B . n 
B 2 46 ALA 46 81  81  ALA ALA B . n 
B 2 47 HIS 47 82  82  HIS HIS B . n 
B 2 48 TYR 48 83  83  TYR TYR B . n 
B 2 49 ASN 49 84  84  ASN ASN B . n 
B 2 50 LYS 50 85  85  LYS LYS B . n 
B 2 51 ARG 51 86  86  ARG ARG B . n 
B 2 52 SER 52 87  87  SER SER B . n 
B 2 53 THR 53 88  88  THR THR B . n 
B 2 54 ILE 54 89  89  ILE ILE B . n 
B 2 55 THR 55 90  90  THR THR B . n 
B 2 56 SER 56 91  91  SER SER B . n 
B 2 57 ARG 57 92  92  ARG ARG B . n 
B 2 58 GLU 58 93  93  GLU GLU B . n 
B 2 59 ILE 59 94  94  ILE ILE B . n 
B 2 60 GLN 60 95  95  GLN GLN B . n 
B 2 61 THR 61 96  96  THR THR B . n 
B 2 62 ALA 62 97  97  ALA ALA B . n 
B 2 63 VAL 63 98  98  VAL VAL B . n 
B 2 64 ARG 64 99  99  ARG ARG B . n 
B 2 65 LEU 65 100 100 LEU LEU B . n 
B 2 66 LEU 66 101 101 LEU LEU B . n 
B 2 67 LEU 67 102 102 LEU LEU B . n 
B 2 68 PRO 68 103 103 PRO PRO B . n 
B 2 69 GLY 69 104 104 GLY GLY B . n 
B 2 70 GLU 70 105 105 GLU GLU B . n 
B 2 71 LEU 71 106 106 LEU LEU B . n 
B 2 72 ALA 72 107 107 ALA ALA B . n 
B 2 73 LYS 73 108 108 LYS LYS B . n 
B 2 74 HIS 74 109 109 HIS HIS B . n 
B 2 75 ALA 75 110 110 ALA ALA B . n 
B 2 76 VAL 76 111 111 VAL VAL B . n 
B 2 77 SER 77 112 112 SER SER B . n 
B 2 78 GLU 78 113 113 GLU GLU B . n 
B 2 79 GLY 79 114 114 GLY GLY B . n 
B 2 80 THR 80 115 115 THR THR B . n 
B 2 81 LYS 81 116 116 LYS LYS B . n 
B 2 82 ALA 82 117 117 ALA ALA B . n 
B 2 83 VAL 83 118 118 VAL VAL B . n 
B 2 84 THR 84 119 119 THR THR B . n 
B 2 85 LYS 85 120 120 LYS LYS B . n 
B 2 86 HIS 86 121 121 HIS HIS B . n 
B 2 87 THR 87 122 122 THR THR B . n 
B 2 88 SER 88 123 123 SER SER B . n 
B 2 89 SER 89 124 124 SER SER B . n 
B 2 90 LYS 90 125 125 LYS LYS B . n 
C 3 1  PRO 1  43  43  PRO PRO C . n 
C 3 2  GLY 2  44  44  GLY GLY C . n 
C 3 3  THR 3  45  45  THR THR C . n 
C 3 4  VAL 4  46  46  VAL VAL C . n 
C 3 5  ALA 5  47  47  ALA ALA C . n 
C 3 6  LEU 6  48  48  LEU LEU C . n 
C 3 7  ARG 7  49  49  ARG ARG C . n 
C 3 8  GLU 8  50  50  GLU GLU C . n 
C 3 9  ILE 9  51  51  ILE ILE C . n 
C 3 10 ARG 10 52  52  ARG ARG C . n 
C 3 11 ARG 11 53  53  ARG ARG C . n 
C 3 12 TYR 12 54  54  TYR TYR C . n 
C 3 13 GLN 13 55  55  GLN GLN C . n 
C 3 14 LYS 14 56  56  LYS LYS C . n 
C 3 15 SER 15 57  57  SER SER C . n 
C 3 16 THR 16 58  58  THR THR C . n 
C 3 17 GLU 17 59  59  GLU GLU C . n 
C 3 18 LEU 18 60  60  LEU LEU C . n 
C 3 19 LEU 19 61  61  LEU LEU C . n 
C 3 20 ILE 20 62  62  ILE ILE C . n 
C 3 21 ARG 21 63  63  ARG ARG C . n 
C 3 22 LYS 22 64  64  LYS LYS C . n 
C 3 23 LEU 23 65  65  LEU LEU C . n 
C 3 24 PRO 24 66  66  PRO PRO C . n 
C 3 25 PHE 25 67  67  PHE PHE C . n 
C 3 26 GLN 26 68  68  GLN GLN C . n 
C 3 27 ARG 27 69  69  ARG ARG C . n 
C 3 28 LEU 28 70  70  LEU LEU C . n 
C 3 29 VAL 29 71  71  VAL VAL C . n 
C 3 30 ARG 30 72  72  ARG ARG C . n 
C 3 31 GLU 31 73  73  GLU GLU C . n 
C 3 32 ILE 32 74  74  ILE ILE C . n 
C 3 33 ALA 33 75  75  ALA ALA C . n 
C 3 34 GLN 34 76  76  GLN GLN C . n 
C 3 35 ASP 35 77  77  ASP ASP C . n 
C 3 36 PHE 36 78  78  PHE PHE C . n 
C 3 37 LYS 37 79  79  LYS LYS C . n 
C 3 38 THR 38 80  80  THR THR C . n 
C 3 39 ASP 39 81  81  ASP ASP C . n 
C 3 40 LEU 40 82  82  LEU LEU C . n 
C 3 41 ARG 41 83  83  ARG ARG C . n 
C 3 42 PHE 42 84  84  PHE PHE C . n 
C 3 43 GLN 43 85  85  GLN GLN C . n 
C 3 44 SER 44 86  86  SER SER C . n 
C 3 45 SER 45 87  87  SER SER C . n 
C 3 46 ALA 46 88  88  ALA ALA C . n 
C 3 47 VAL 47 89  89  VAL VAL C . n 
C 3 48 MET 48 90  90  MET MET C . n 
C 3 49 ALA 49 91  91  ALA ALA C . n 
C 3 50 LEU 50 92  92  LEU LEU C . n 
C 3 51 GLN 51 93  93  GLN GLN C . n 
C 3 52 GLU 52 94  94  GLU GLU C . n 
C 3 53 ALA 53 95  95  ALA ALA C . n 
C 3 54 SER 54 96  96  SER SER C . n 
C 3 55 GLU 55 97  97  GLU GLU C . n 
C 3 56 ALA 56 98  98  ALA ALA C . n 
C 3 57 TYR 57 99  99  TYR TYR C . n 
C 3 58 LEU 58 100 100 LEU LEU C . n 
C 3 59 VAL 59 101 101 VAL VAL C . n 
C 3 60 GLY 60 102 102 GLY GLY C . n 
C 3 61 LEU 61 103 103 LEU LEU C . n 
C 3 62 PHE 62 104 104 PHE PHE C . n 
C 3 63 GLU 63 105 105 GLU GLU C . n 
C 3 64 ASP 64 106 106 ASP ASP C . n 
C 3 65 THR 65 107 107 THR THR C . n 
C 3 66 ASN 66 108 108 ASN ASN C . n 
C 3 67 LEU 67 109 109 LEU LEU C . n 
C 3 68 CYS 68 110 110 CYS CYS C . n 
C 3 69 ALA 69 111 111 ALA ALA C . n 
C 3 70 ILE 70 112 112 ILE ILE C . n 
C 3 71 HIS 71 113 113 HIS HIS C . n 
C 3 72 ALA 72 114 114 ALA ALA C . n 
C 3 73 LYS 73 115 115 LYS LYS C . n 
C 3 74 ARG 74 116 116 ARG ARG C . n 
C 3 75 VAL 75 117 117 VAL VAL C . n 
C 3 76 THR 76 118 118 THR THR C . n 
C 3 77 ILE 77 119 119 ILE ILE C . n 
C 3 78 MET 78 120 120 MET MET C . n 
C 3 79 PRO 79 121 121 PRO PRO C . n 
C 3 80 LYS 80 122 122 LYS LYS C . n 
C 3 81 ASP 81 123 123 ASP ASP C . n 
C 3 82 ILE 82 124 124 ILE ILE C . n 
C 3 83 GLU 83 125 125 GLU GLU C . n 
C 3 84 LEU 84 126 126 LEU LEU C . n 
C 3 85 ALA 85 127 127 ALA ALA C . n 
C 3 86 ARG 86 128 128 ARG ARG C . n 
C 3 87 ARG 87 129 129 ARG ARG C . n 
C 3 88 ILE 88 130 130 ILE ILE C . n 
C 3 89 ARG 89 131 131 ARG ARG C . n 
C 3 90 GLY 90 132 132 GLY GLY C . n 
C 3 91 GLU 91 133 133 GLU GLU C . n 
C 3 92 ARG 92 134 134 ARG ARG C . n 
C 3 93 ALA 93 135 135 ALA ALA C . n 
D 4 1  GLN 1  27  27  GLN GLN D . n 
D 4 2  GLY 2  28  28  GLY GLY D . n 
D 4 3  ILE 3  29  29  ILE ILE D . n 
D 4 4  THR 4  30  30  THR THR D . n 
D 4 5  LYS 5  31  31  LYS LYS D . n 
D 4 6  PRO 6  32  32  PRO PRO D . n 
D 4 7  ALA 7  33  33  ALA ALA D . n 
D 4 8  ILE 8  34  34  ILE ILE D . n 
D 4 9  ARG 9  35  35  ARG ARG D . n 
D 4 10 ARG 10 36  36  ARG ARG D . n 
D 4 11 LEU 11 37  37  LEU LEU D . n 
D 4 12 ALA 12 38  38  ALA ALA D . n 
D 4 13 ARG 13 39  39  ARG ARG D . n 
D 4 14 ARG 14 40  40  ARG ARG D . n 
D 4 15 GLY 15 41  41  GLY GLY D . n 
D 4 16 GLY 16 42  42  GLY GLY D . n 
D 4 17 VAL 17 43  43  VAL VAL D . n 
D 4 18 LYS 18 44  44  LYS LYS D . n 
D 4 19 ARG 19 45  45  ARG ARG D . n 
D 4 20 ILE 20 46  46  ILE ILE D . n 
D 4 21 SER 21 47  47  SER SER D . n 
D 4 22 GLY 22 48  48  GLY GLY D . n 
D 4 23 LEU 23 49  49  LEU LEU D . n 
D 4 24 ILE 24 50  50  ILE ILE D . n 
D 4 25 TYR 25 51  51  TYR TYR D . n 
D 4 26 GLU 26 52  52  GLU GLU D . n 
D 4 27 GLU 27 53  53  GLU GLU D . n 
D 4 28 THR 28 54  54  THR THR D . n 
D 4 29 ARG 29 55  55  ARG ARG D . n 
D 4 30 GLY 30 56  56  GLY GLY D . n 
D 4 31 VAL 31 57  57  VAL VAL D . n 
D 4 32 LEU 32 58  58  LEU LEU D . n 
D 4 33 LYS 33 59  59  LYS LYS D . n 
D 4 34 VAL 34 60  60  VAL VAL D . n 
D 4 35 PHE 35 61  61  PHE PHE D . n 
D 4 36 LEU 36 62  62  LEU LEU D . n 
D 4 37 GLU 37 63  63  GLU GLU D . n 
D 4 38 ASN 38 64  64  ASN ASN D . n 
D 4 39 VAL 39 65  65  VAL VAL D . n 
D 4 40 ILE 40 66  66  ILE ILE D . n 
D 4 41 ARG 41 67  67  ARG ARG D . n 
D 4 42 ASP 42 68  68  ASP ASP D . n 
D 4 43 ALA 43 69  69  ALA ALA D . n 
D 4 44 VAL 44 70  70  VAL VAL D . n 
D 4 45 THR 45 71  71  THR THR D . n 
D 4 46 TYR 46 72  72  TYR TYR D . n 
D 4 47 THR 47 73  73  THR THR D . n 
D 4 48 GLU 48 74  74  GLU GLU D . n 
D 4 49 HIS 49 75  75  HIS HIS D . n 
D 4 50 ALA 50 76  76  ALA ALA D . n 
D 4 51 LYS 51 77  77  LYS LYS D . n 
D 4 52 ARG 52 78  78  ARG ARG D . n 
D 4 53 LYS 53 79  79  LYS LYS D . n 
D 4 54 THR 54 80  80  THR THR D . n 
D 4 55 VAL 55 81  81  VAL VAL D . n 
D 4 56 THR 56 82  82  THR THR D . n 
D 4 57 ALA 57 83  83  ALA ALA D . n 
D 4 58 MET 58 84  84  MET MET D . n 
D 4 59 ASP 59 85  85  ASP ASP D . n 
D 4 60 VAL 60 86  86  VAL VAL D . n 
D 4 61 VAL 61 87  87  VAL VAL D . n 
D 4 62 TYR 62 88  88  TYR TYR D . n 
D 4 63 ALA 63 89  89  ALA ALA D . n 
D 4 64 LEU 64 90  90  LEU LEU D . n 
D 4 65 LYS 65 91  91  LYS LYS D . n 
D 4 66 ARG 66 92  92  ARG ARG D . n 
D 4 67 GLN 67 93  93  GLN GLN D . n 
D 4 68 GLY 68 94  94  GLY GLY D . n 
D 4 69 ARG 69 95  95  ARG ARG D . n 
D 4 70 THR 70 96  96  THR THR D . n 
D 4 71 LEU 71 97  97  LEU LEU D . n 
D 4 72 TYR 72 98  98  TYR TYR D . n 
D 4 73 GLY 73 99  99  GLY GLY D . n 
D 4 74 PHE 74 100 100 PHE PHE D . n 
D 4 75 GLY 75 101 101 GLY GLY D . n 
D 4 76 GLY 76 102 102 GLY GLY D . n 
# 
_software.name             PROFFT 
_software.classification   refinement 
_software.version          . 
_software.citation_id      ? 
_software.pdbx_ordinal     1 
# 
_cell.entry_id           1HIO 
_cell.length_a           118.820 
_cell.length_b           118.820 
_cell.length_c           102.930 
_cell.angle_alpha        90.00 
_cell.angle_beta         90.00 
_cell.angle_gamma        120.00 
_cell.Z_PDB              6 
_cell.pdbx_unique_axis   ? 
# 
_symmetry.entry_id                         1HIO 
_symmetry.space_group_name_H-M             'P 32 2 1' 
_symmetry.pdbx_full_space_group_name_H-M   ? 
_symmetry.cell_setting                     ? 
_symmetry.Int_Tables_number                154 
# 
_exptl.entry_id          1HIO 
_exptl.method            'X-RAY DIFFRACTION' 
_exptl.crystals_number   ? 
# 
_exptl_crystal.id                    1 
_exptl_crystal.density_meas          ? 
_exptl_crystal.density_Matthews      5.29 
_exptl_crystal.density_percent_sol   76.75 
_exptl_crystal.description           'THE ENTRY WAS SUBMITTED IN 1991, WITHOUT COMPLETE EXPERIMENTAL DETAILS.' 
# 
_diffrn.id                     1 
_diffrn.ambient_temp           ? 
_diffrn.ambient_temp_details   ? 
_diffrn.crystal_id             1 
# 
_diffrn_radiation.diffrn_id                        1 
_diffrn_radiation.wavelength_id                    1 
_diffrn_radiation.pdbx_monochromatic_or_laue_m_l   ? 
_diffrn_radiation.monochromator                    ? 
_diffrn_radiation.pdbx_diffrn_protocol             ? 
_diffrn_radiation.pdbx_scattering_type             x-ray 
# 
_diffrn_radiation_wavelength.id           1 
_diffrn_radiation_wavelength.wavelength   . 
_diffrn_radiation_wavelength.wt           1.0 
# 
_refine.entry_id                                 1HIO 
_refine.ls_number_reflns_obs                     13542 
_refine.ls_number_reflns_all                     ? 
_refine.pdbx_ls_sigma_I                          ? 
_refine.pdbx_ls_sigma_F                          2.0 
_refine.pdbx_data_cutoff_high_absF               ? 
_refine.pdbx_data_cutoff_low_absF                ? 
_refine.pdbx_data_cutoff_high_rms_absF           ? 
_refine.ls_d_res_low                             10.0 
_refine.ls_d_res_high                            3.10 
_refine.ls_percent_reflns_obs                    ? 
_refine.ls_R_factor_obs                          0.255 
_refine.ls_R_factor_all                          ? 
_refine.ls_R_factor_R_work                       ? 
_refine.ls_R_factor_R_free                       ? 
_refine.ls_R_factor_R_free_error                 ? 
_refine.ls_R_factor_R_free_error_details         ? 
_refine.ls_percent_reflns_R_free                 ? 
_refine.ls_number_reflns_R_free                  ? 
_refine.ls_number_parameters                     ? 
_refine.ls_number_restraints                     ? 
_refine.occupancy_min                            ? 
_refine.occupancy_max                            ? 
_refine.B_iso_mean                               ? 
_refine.aniso_B[1][1]                            ? 
_refine.aniso_B[2][2]                            ? 
_refine.aniso_B[3][3]                            ? 
_refine.aniso_B[1][2]                            ? 
_refine.aniso_B[1][3]                            ? 
_refine.aniso_B[2][3]                            ? 
_refine.solvent_model_details                    ? 
_refine.solvent_model_param_ksol                 ? 
_refine.solvent_model_param_bsol                 ? 
_refine.pdbx_ls_cross_valid_method               ? 
_refine.details                                  
;THIS ENTRY WAS SUBMITTED IN 1991, WITHOUT COMPLETE REFINEMENT DETAILS.

PLEASE NOTE THAT THE ORIGINAL COORDINATES SENT TO PDB
IN 1991 ARE ALPHA CARBONS ONLY.  THE FULL COORDINATES
(AS OF 09/15/98) CAN BE FOUND AT THE URL
HTTP://WWW.BIO.JHU.EDU/FACULTY/MOUDRIANAKIS/
MOUDRIANAKIS.HTML
;
_refine.pdbx_starting_model                      ? 
_refine.pdbx_method_to_determine_struct          ? 
_refine.pdbx_isotropic_thermal_model             ? 
_refine.pdbx_stereochemistry_target_values       ? 
_refine.pdbx_stereochem_target_val_spec_case     ? 
_refine.pdbx_R_Free_selection_details            ? 
_refine.pdbx_overall_ESU_R                       ? 
_refine.pdbx_overall_ESU_R_Free                  ? 
_refine.overall_SU_ML                            ? 
_refine.overall_SU_B                             ? 
_refine.pdbx_refine_id                           'X-RAY DIFFRACTION' 
_refine.pdbx_diffrn_id                           1 
_refine.pdbx_TLS_residual_ADP_flag               ? 
_refine.correlation_coeff_Fo_to_Fc               ? 
_refine.correlation_coeff_Fo_to_Fc_free          ? 
_refine.pdbx_solvent_vdw_probe_radii             ? 
_refine.pdbx_solvent_ion_probe_radii             ? 
_refine.pdbx_solvent_shrinkage_radii             ? 
_refine.pdbx_overall_phase_error                 ? 
_refine.overall_SU_R_Cruickshank_DPI             ? 
_refine.pdbx_overall_SU_R_free_Cruickshank_DPI   ? 
_refine.pdbx_overall_SU_R_Blow_DPI               ? 
_refine.pdbx_overall_SU_R_free_Blow_DPI          ? 
# 
_refine_hist.pdbx_refine_id                   'X-RAY DIFFRACTION' 
_refine_hist.cycle_id                         LAST 
_refine_hist.pdbx_number_atoms_protein        354 
_refine_hist.pdbx_number_atoms_nucleic_acid   0 
_refine_hist.pdbx_number_atoms_ligand         0 
_refine_hist.number_atoms_solvent             0 
_refine_hist.number_atoms_total               354 
_refine_hist.d_res_high                       3.10 
_refine_hist.d_res_low                        10.0 
# 
_struct.entry_id                  1HIO 
_struct.title                     'HISTONE OCTAMER (CHICKEN), CHROMOSOMAL PROTEIN, ALPHA CARBONS ONLY' 
_struct.pdbx_model_details        ? 
_struct.pdbx_CASP_flag            ? 
_struct.pdbx_model_type_details   ? 
# 
_struct_keywords.entry_id        1HIO 
_struct_keywords.pdbx_keywords   'CHROMOSOMAL PROTEIN' 
_struct_keywords.text            'HISTONE, CHROMOSOMAL PROTEIN, NUCLEOSOME CORE' 
# 
loop_
_struct_asym.id 
_struct_asym.pdbx_blank_PDB_chainid_flag 
_struct_asym.pdbx_modified 
_struct_asym.entity_id 
_struct_asym.details 
A N N 1 ? 
B N N 2 ? 
C N N 3 ? 
D N N 4 ? 
# 
loop_
_struct_ref.id 
_struct_ref.db_name 
_struct_ref.db_code 
_struct_ref.entity_id 
_struct_ref.pdbx_db_accession 
_struct_ref.pdbx_align_begin 
_struct_ref.pdbx_seq_one_letter_code 
_struct_ref.pdbx_db_isoform 
1 UNP H2A4_CHICK 1 P02263 1 
;SGRGKQGGKARAKAKSRSSRAGLQFPVGRVHRLLRKGNYAERVGAGAPVYLAAVLEYLTAEILELAGNAARDNKKTRIIP
RHLQLAIRNDEELNKLLGKVTIAQGGVLPNIQAVLLPKKTDSHKAKAK
;
? 
2 UNP H2B_CHICK  2 P02279 1 
;PEPAKSAPAPKKGSKKAVTKTQKKGDKKRKKSRKESYSIYVYKVLKQVHPDTGISSKAMGIMNSFVNDIFERIAGEASRL
AHYNKRSTITSREIQTAVRLLLPGELAKHAVSEGTKAVTKYTSSK
;
? 
3 UNP H31_CHICK  3 P84229 1 
;ARTKQTARKSTGGKAPRKQLATKAARKSAPATGGVKKPHRYRPGTVALREIRRYQKSTELLIRKLPFQRLVREIAQDFKT
DLRFQSSAVMALQEASEAYLVGLFEDTNLCAIHAKRVTIMPKDIQLARRIRGERA
;
? 
4 UNP H4_CHICK   4 P62801 1 
;SGRGKGGKGLGKGGAKRHRKVLRDNIQGITKPAIRRLARRGGVKRISGLIYEETRGVLKVFLENVIRDAVTYTEHAKRKT
VTAMDVVYALKRQGRTLYGFGG
;
? 
# 
loop_
_struct_ref_seq.align_id 
_struct_ref_seq.ref_id 
_struct_ref_seq.pdbx_PDB_id_code 
_struct_ref_seq.pdbx_strand_id 
_struct_ref_seq.seq_align_beg 
_struct_ref_seq.pdbx_seq_align_beg_ins_code 
_struct_ref_seq.seq_align_end 
_struct_ref_seq.pdbx_seq_align_end_ins_code 
_struct_ref_seq.pdbx_db_accession 
_struct_ref_seq.db_align_beg 
_struct_ref_seq.pdbx_db_align_beg_ins_code 
_struct_ref_seq.db_align_end 
_struct_ref_seq.pdbx_db_align_end_ins_code 
_struct_ref_seq.pdbx_auth_seq_align_beg 
_struct_ref_seq.pdbx_auth_seq_align_end 
1 1 1HIO A 1 ? 95 ? P02263 15 ? 109 ? 15 109 
2 2 1HIO B 1 ? 90 ? P02279 36 ? 125 ? 36 125 
3 3 1HIO C 1 ? 93 ? P84229 43 ? 135 ? 43 135 
4 4 1HIO D 1 ? 76 ? P62801 27 ? 102 ? 27 102 
# 
loop_
_struct_ref_seq_dif.align_id 
_struct_ref_seq_dif.pdbx_pdb_id_code 
_struct_ref_seq_dif.mon_id 
_struct_ref_seq_dif.pdbx_pdb_strand_id 
_struct_ref_seq_dif.seq_num 
_struct_ref_seq_dif.pdbx_pdb_ins_code 
_struct_ref_seq_dif.pdbx_seq_db_name 
_struct_ref_seq_dif.pdbx_seq_db_accession_code 
_struct_ref_seq_dif.db_mon_id 
_struct_ref_seq_dif.pdbx_seq_db_seq_num 
_struct_ref_seq_dif.details 
_struct_ref_seq_dif.pdbx_auth_seq_num 
_struct_ref_seq_dif.pdbx_ordinal 
2 1HIO SER B 26 ? UNP P02279 ILE 61  conflict 61  1 
2 1HIO LEU B 41 ? UNP P02279 GLU 76  conflict 76  2 
2 1HIO HIS B 86 ? UNP P02279 TYR 121 conflict 121 3 
3 1HIO GLU C 83 ? UNP P84229 GLN 125 conflict 125 4 
# 
_pdbx_struct_assembly.id                   1 
_pdbx_struct_assembly.details              author_defined_assembly 
_pdbx_struct_assembly.method_details       ? 
_pdbx_struct_assembly.oligomeric_details   octameric 
_pdbx_struct_assembly.oligomeric_count     8 
# 
_pdbx_struct_assembly_gen.assembly_id       1 
_pdbx_struct_assembly_gen.oper_expression   1,2 
_pdbx_struct_assembly_gen.asym_id_list      A,B,C,D 
# 
loop_
_pdbx_struct_oper_list.id 
_pdbx_struct_oper_list.type 
_pdbx_struct_oper_list.name 
_pdbx_struct_oper_list.symmetry_operation 
_pdbx_struct_oper_list.matrix[1][1] 
_pdbx_struct_oper_list.matrix[1][2] 
_pdbx_struct_oper_list.matrix[1][3] 
_pdbx_struct_oper_list.vector[1] 
_pdbx_struct_oper_list.matrix[2][1] 
_pdbx_struct_oper_list.matrix[2][2] 
_pdbx_struct_oper_list.matrix[2][3] 
_pdbx_struct_oper_list.vector[2] 
_pdbx_struct_oper_list.matrix[3][1] 
_pdbx_struct_oper_list.matrix[3][2] 
_pdbx_struct_oper_list.matrix[3][3] 
_pdbx_struct_oper_list.vector[3] 
1 'identity operation'         1_555 x,y,z  1.0000000000 0.0000000000  0.0000000000 0.0000000000 0.0000000000  1.0000000000  0.0000000000  0.0000000000  0.0000000000 0.0000000000  1.0000000000  0.0000000000   
2 'crystal symmetry operation' 4_555 y,x,-z 0.4760287297 -0.4937894291 0.7277146750 8.1313897344 -0.4937894291 -0.8348080932 -0.2434490648 -4.8537442658 0.7277146750 -0.2434490648 -0.6412206364 -19.7864533489 
# 
_struct_biol.id   1 
# 
loop_
_struct_conf.conf_type_id 
_struct_conf.id 
_struct_conf.pdbx_PDB_helix_id 
_struct_conf.beg_label_comp_id 
_struct_conf.beg_label_asym_id 
_struct_conf.beg_label_seq_id 
_struct_conf.pdbx_beg_PDB_ins_code 
_struct_conf.end_label_comp_id 
_struct_conf.end_label_asym_id 
_struct_conf.end_label_seq_id 
_struct_conf.pdbx_end_PDB_ins_code 
_struct_conf.beg_auth_comp_id 
_struct_conf.beg_auth_asym_id 
_struct_conf.beg_auth_seq_id 
_struct_conf.end_auth_comp_id 
_struct_conf.end_auth_asym_id 
_struct_conf.end_auth_seq_id 
_struct_conf.pdbx_PDB_helix_class 
_struct_conf.details 
_struct_conf.pdbx_PDB_helix_length 
HELX_P HELX_P1  2A1 ARG A 3  ? ALA A 7  ? ARG A 17  ALA A 21  1 IRREGULAR               5  
HELX_P HELX_P2  2A2 VAL A 13 ? LYS A 22 ? VAL A 27  LYS A 36  1 ?                       10 
HELX_P HELX_P3  2A3 GLY A 32 ? ASN A 59 ? GLY A 46  ASN A 73  1 'PLEASE SEE REMARK 650' 28 
HELX_P HELX_P4  2A4 PRO A 66 ? ASN A 75 ? PRO A 80  ASN A 89  1 ?                       10 
HELX_P HELX_P5  2A5 GLU A 77 ? LEU A 82 ? GLU A 91  LEU A 96  1 ?                       6  
HELX_P HELX_P6  2B1 SER B 3  ? VAL B 13 ? SER B 38  VAL B 48  1 ?                       11 
HELX_P HELX_P7  2B2 SER B 21 ? ASN B 49 ? SER B 56  ASN B 84  1 ?                       29 
HELX_P HELX_P8  2B3 SER B 56 ? LEU B 66 ? SER B 91  LEU B 101 1 ?                       11 
HELX_P HELX_P9  2B4 LEU B 71 ? SER B 88 ? LEU B 106 SER B 123 1 ?                       18 
HELX_P HELX_P10 H31 GLY C 2  ? GLN C 13 ? GLY C 44  GLN C 55  1 ?                       12 
HELX_P HELX_P11 H32 LYS C 22 ? ALA C 33 ? LYS C 64  ALA C 75  1 ?                       12 
HELX_P HELX_P12 H33 SER C 44 ? ILE C 70 ? SER C 86  ILE C 112 1 ?                       27 
HELX_P HELX_P13 H34 PRO C 79 ? ARG C 89 ? PRO C 121 ARG C 131 1 IRREGULAR               11 
HELX_P HELX_P14 H41 LYS D 5  ? ARG D 14 ? LYS D 31  ARG D 40  1 ?                       10 
HELX_P HELX_P15 H42 ILE D 24 ? ALA D 50 ? ILE D 50  ALA D 76  1 'PLEASE SEE REMARK 650' 27 
HELX_P HELX_P16 H43 ALA D 57 ? GLN D 67 ? ALA D 83  GLN D 93  1 ?                       11 
# 
_struct_conf_type.id          HELX_P 
_struct_conf_type.criteria    ? 
_struct_conf_type.reference   ? 
# 
loop_
_chem_comp_atom.comp_id 
_chem_comp_atom.atom_id 
_chem_comp_atom.type_symbol 
_chem_comp_atom.pdbx_aromatic_flag 
_chem_comp_atom.pdbx_stereo_config 
_chem_comp_atom.pdbx_ordinal 
ALA N    N N N 1   
ALA CA   C N S 2   
ALA C    C N N 3   
ALA O    O N N 4   
ALA CB   C N N 5   
ALA OXT  O N N 6   
ALA H    H N N 7   
ALA H2   H N N 8   
ALA HA   H N N 9   
ALA HB1  H N N 10  
ALA HB2  H N N 11  
ALA HB3  H N N 12  
ALA HXT  H N N 13  
ARG N    N N N 14  
ARG CA   C N S 15  
ARG C    C N N 16  
ARG O    O N N 17  
ARG CB   C N N 18  
ARG CG   C N N 19  
ARG CD   C N N 20  
ARG NE   N N N 21  
ARG CZ   C N N 22  
ARG NH1  N N N 23  
ARG NH2  N N N 24  
ARG OXT  O N N 25  
ARG H    H N N 26  
ARG H2   H N N 27  
ARG HA   H N N 28  
ARG HB2  H N N 29  
ARG HB3  H N N 30  
ARG HG2  H N N 31  
ARG HG3  H N N 32  
ARG HD2  H N N 33  
ARG HD3  H N N 34  
ARG HE   H N N 35  
ARG HH11 H N N 36  
ARG HH12 H N N 37  
ARG HH21 H N N 38  
ARG HH22 H N N 39  
ARG HXT  H N N 40  
ASN N    N N N 41  
ASN CA   C N S 42  
ASN C    C N N 43  
ASN O    O N N 44  
ASN CB   C N N 45  
ASN CG   C N N 46  
ASN OD1  O N N 47  
ASN ND2  N N N 48  
ASN OXT  O N N 49  
ASN H    H N N 50  
ASN H2   H N N 51  
ASN HA   H N N 52  
ASN HB2  H N N 53  
ASN HB3  H N N 54  
ASN HD21 H N N 55  
ASN HD22 H N N 56  
ASN HXT  H N N 57  
ASP N    N N N 58  
ASP CA   C N S 59  
ASP C    C N N 60  
ASP O    O N N 61  
ASP CB   C N N 62  
ASP CG   C N N 63  
ASP OD1  O N N 64  
ASP OD2  O N N 65  
ASP OXT  O N N 66  
ASP H    H N N 67  
ASP H2   H N N 68  
ASP HA   H N N 69  
ASP HB2  H N N 70  
ASP HB3  H N N 71  
ASP HD2  H N N 72  
ASP HXT  H N N 73  
CYS N    N N N 74  
CYS CA   C N R 75  
CYS C    C N N 76  
CYS O    O N N 77  
CYS CB   C N N 78  
CYS SG   S N N 79  
CYS OXT  O N N 80  
CYS H    H N N 81  
CYS H2   H N N 82  
CYS HA   H N N 83  
CYS HB2  H N N 84  
CYS HB3  H N N 85  
CYS HG   H N N 86  
CYS HXT  H N N 87  
GLN N    N N N 88  
GLN CA   C N S 89  
GLN C    C N N 90  
GLN O    O N N 91  
GLN CB   C N N 92  
GLN CG   C N N 93  
GLN CD   C N N 94  
GLN OE1  O N N 95  
GLN NE2  N N N 96  
GLN OXT  O N N 97  
GLN H    H N N 98  
GLN H2   H N N 99  
GLN HA   H N N 100 
GLN HB2  H N N 101 
GLN HB3  H N N 102 
GLN HG2  H N N 103 
GLN HG3  H N N 104 
GLN HE21 H N N 105 
GLN HE22 H N N 106 
GLN HXT  H N N 107 
GLU N    N N N 108 
GLU CA   C N S 109 
GLU C    C N N 110 
GLU O    O N N 111 
GLU CB   C N N 112 
GLU CG   C N N 113 
GLU CD   C N N 114 
GLU OE1  O N N 115 
GLU OE2  O N N 116 
GLU OXT  O N N 117 
GLU H    H N N 118 
GLU H2   H N N 119 
GLU HA   H N N 120 
GLU HB2  H N N 121 
GLU HB3  H N N 122 
GLU HG2  H N N 123 
GLU HG3  H N N 124 
GLU HE2  H N N 125 
GLU HXT  H N N 126 
GLY N    N N N 127 
GLY CA   C N N 128 
GLY C    C N N 129 
GLY O    O N N 130 
GLY OXT  O N N 131 
GLY H    H N N 132 
GLY H2   H N N 133 
GLY HA2  H N N 134 
GLY HA3  H N N 135 
GLY HXT  H N N 136 
HIS N    N N N 137 
HIS CA   C N S 138 
HIS C    C N N 139 
HIS O    O N N 140 
HIS CB   C N N 141 
HIS CG   C Y N 142 
HIS ND1  N Y N 143 
HIS CD2  C Y N 144 
HIS CE1  C Y N 145 
HIS NE2  N Y N 146 
HIS OXT  O N N 147 
HIS H    H N N 148 
HIS H2   H N N 149 
HIS HA   H N N 150 
HIS HB2  H N N 151 
HIS HB3  H N N 152 
HIS HD1  H N N 153 
HIS HD2  H N N 154 
HIS HE1  H N N 155 
HIS HE2  H N N 156 
HIS HXT  H N N 157 
ILE N    N N N 158 
ILE CA   C N S 159 
ILE C    C N N 160 
ILE O    O N N 161 
ILE CB   C N S 162 
ILE CG1  C N N 163 
ILE CG2  C N N 164 
ILE CD1  C N N 165 
ILE OXT  O N N 166 
ILE H    H N N 167 
ILE H2   H N N 168 
ILE HA   H N N 169 
ILE HB   H N N 170 
ILE HG12 H N N 171 
ILE HG13 H N N 172 
ILE HG21 H N N 173 
ILE HG22 H N N 174 
ILE HG23 H N N 175 
ILE HD11 H N N 176 
ILE HD12 H N N 177 
ILE HD13 H N N 178 
ILE HXT  H N N 179 
LEU N    N N N 180 
LEU CA   C N S 181 
LEU C    C N N 182 
LEU O    O N N 183 
LEU CB   C N N 184 
LEU CG   C N N 185 
LEU CD1  C N N 186 
LEU CD2  C N N 187 
LEU OXT  O N N 188 
LEU H    H N N 189 
LEU H2   H N N 190 
LEU HA   H N N 191 
LEU HB2  H N N 192 
LEU HB3  H N N 193 
LEU HG   H N N 194 
LEU HD11 H N N 195 
LEU HD12 H N N 196 
LEU HD13 H N N 197 
LEU HD21 H N N 198 
LEU HD22 H N N 199 
LEU HD23 H N N 200 
LEU HXT  H N N 201 
LYS N    N N N 202 
LYS CA   C N S 203 
LYS C    C N N 204 
LYS O    O N N 205 
LYS CB   C N N 206 
LYS CG   C N N 207 
LYS CD   C N N 208 
LYS CE   C N N 209 
LYS NZ   N N N 210 
LYS OXT  O N N 211 
LYS H    H N N 212 
LYS H2   H N N 213 
LYS HA   H N N 214 
LYS HB2  H N N 215 
LYS HB3  H N N 216 
LYS HG2  H N N 217 
LYS HG3  H N N 218 
LYS HD2  H N N 219 
LYS HD3  H N N 220 
LYS HE2  H N N 221 
LYS HE3  H N N 222 
LYS HZ1  H N N 223 
LYS HZ2  H N N 224 
LYS HZ3  H N N 225 
LYS HXT  H N N 226 
MET N    N N N 227 
MET CA   C N S 228 
MET C    C N N 229 
MET O    O N N 230 
MET CB   C N N 231 
MET CG   C N N 232 
MET SD   S N N 233 
MET CE   C N N 234 
MET OXT  O N N 235 
MET H    H N N 236 
MET H2   H N N 237 
MET HA   H N N 238 
MET HB2  H N N 239 
MET HB3  H N N 240 
MET HG2  H N N 241 
MET HG3  H N N 242 
MET HE1  H N N 243 
MET HE2  H N N 244 
MET HE3  H N N 245 
MET HXT  H N N 246 
PHE N    N N N 247 
PHE CA   C N S 248 
PHE C    C N N 249 
PHE O    O N N 250 
PHE CB   C N N 251 
PHE CG   C Y N 252 
PHE CD1  C Y N 253 
PHE CD2  C Y N 254 
PHE CE1  C Y N 255 
PHE CE2  C Y N 256 
PHE CZ   C Y N 257 
PHE OXT  O N N 258 
PHE H    H N N 259 
PHE H2   H N N 260 
PHE HA   H N N 261 
PHE HB2  H N N 262 
PHE HB3  H N N 263 
PHE HD1  H N N 264 
PHE HD2  H N N 265 
PHE HE1  H N N 266 
PHE HE2  H N N 267 
PHE HZ   H N N 268 
PHE HXT  H N N 269 
PRO N    N N N 270 
PRO CA   C N S 271 
PRO C    C N N 272 
PRO O    O N N 273 
PRO CB   C N N 274 
PRO CG   C N N 275 
PRO CD   C N N 276 
PRO OXT  O N N 277 
PRO H    H N N 278 
PRO HA   H N N 279 
PRO HB2  H N N 280 
PRO HB3  H N N 281 
PRO HG2  H N N 282 
PRO HG3  H N N 283 
PRO HD2  H N N 284 
PRO HD3  H N N 285 
PRO HXT  H N N 286 
SER N    N N N 287 
SER CA   C N S 288 
SER C    C N N 289 
SER O    O N N 290 
SER CB   C N N 291 
SER OG   O N N 292 
SER OXT  O N N 293 
SER H    H N N 294 
SER H2   H N N 295 
SER HA   H N N 296 
SER HB2  H N N 297 
SER HB3  H N N 298 
SER HG   H N N 299 
SER HXT  H N N 300 
THR N    N N N 301 
THR CA   C N S 302 
THR C    C N N 303 
THR O    O N N 304 
THR CB   C N R 305 
THR OG1  O N N 306 
THR CG2  C N N 307 
THR OXT  O N N 308 
THR H    H N N 309 
THR H2   H N N 310 
THR HA   H N N 311 
THR HB   H N N 312 
THR HG1  H N N 313 
THR HG21 H N N 314 
THR HG22 H N N 315 
THR HG23 H N N 316 
THR HXT  H N N 317 
TYR N    N N N 318 
TYR CA   C N S 319 
TYR C    C N N 320 
TYR O    O N N 321 
TYR CB   C N N 322 
TYR CG   C Y N 323 
TYR CD1  C Y N 324 
TYR CD2  C Y N 325 
TYR CE1  C Y N 326 
TYR CE2  C Y N 327 
TYR CZ   C Y N 328 
TYR OH   O N N 329 
TYR OXT  O N N 330 
TYR H    H N N 331 
TYR H2   H N N 332 
TYR HA   H N N 333 
TYR HB2  H N N 334 
TYR HB3  H N N 335 
TYR HD1  H N N 336 
TYR HD2  H N N 337 
TYR HE1  H N N 338 
TYR HE2  H N N 339 
TYR HH   H N N 340 
TYR HXT  H N N 341 
VAL N    N N N 342 
VAL CA   C N S 343 
VAL C    C N N 344 
VAL O    O N N 345 
VAL CB   C N N 346 
VAL CG1  C N N 347 
VAL CG2  C N N 348 
VAL OXT  O N N 349 
VAL H    H N N 350 
VAL H2   H N N 351 
VAL HA   H N N 352 
VAL HB   H N N 353 
VAL HG11 H N N 354 
VAL HG12 H N N 355 
VAL HG13 H N N 356 
VAL HG21 H N N 357 
VAL HG22 H N N 358 
VAL HG23 H N N 359 
VAL HXT  H N N 360 
# 
loop_
_chem_comp_bond.comp_id 
_chem_comp_bond.atom_id_1 
_chem_comp_bond.atom_id_2 
_chem_comp_bond.value_order 
_chem_comp_bond.pdbx_aromatic_flag 
_chem_comp_bond.pdbx_stereo_config 
_chem_comp_bond.pdbx_ordinal 
ALA N   CA   sing N N 1   
ALA N   H    sing N N 2   
ALA N   H2   sing N N 3   
ALA CA  C    sing N N 4   
ALA CA  CB   sing N N 5   
ALA CA  HA   sing N N 6   
ALA C   O    doub N N 7   
ALA C   OXT  sing N N 8   
ALA CB  HB1  sing N N 9   
ALA CB  HB2  sing N N 10  
ALA CB  HB3  sing N N 11  
ALA OXT HXT  sing N N 12  
ARG N   CA   sing N N 13  
ARG N   H    sing N N 14  
ARG N   H2   sing N N 15  
ARG CA  C    sing N N 16  
ARG CA  CB   sing N N 17  
ARG CA  HA   sing N N 18  
ARG C   O    doub N N 19  
ARG C   OXT  sing N N 20  
ARG CB  CG   sing N N 21  
ARG CB  HB2  sing N N 22  
ARG CB  HB3  sing N N 23  
ARG CG  CD   sing N N 24  
ARG CG  HG2  sing N N 25  
ARG CG  HG3  sing N N 26  
ARG CD  NE   sing N N 27  
ARG CD  HD2  sing N N 28  
ARG CD  HD3  sing N N 29  
ARG NE  CZ   sing N N 30  
ARG NE  HE   sing N N 31  
ARG CZ  NH1  sing N N 32  
ARG CZ  NH2  doub N N 33  
ARG NH1 HH11 sing N N 34  
ARG NH1 HH12 sing N N 35  
ARG NH2 HH21 sing N N 36  
ARG NH2 HH22 sing N N 37  
ARG OXT HXT  sing N N 38  
ASN N   CA   sing N N 39  
ASN N   H    sing N N 40  
ASN N   H2   sing N N 41  
ASN CA  C    sing N N 42  
ASN CA  CB   sing N N 43  
ASN CA  HA   sing N N 44  
ASN C   O    doub N N 45  
ASN C   OXT  sing N N 46  
ASN CB  CG   sing N N 47  
ASN CB  HB2  sing N N 48  
ASN CB  HB3  sing N N 49  
ASN CG  OD1  doub N N 50  
ASN CG  ND2  sing N N 51  
ASN ND2 HD21 sing N N 52  
ASN ND2 HD22 sing N N 53  
ASN OXT HXT  sing N N 54  
ASP N   CA   sing N N 55  
ASP N   H    sing N N 56  
ASP N   H2   sing N N 57  
ASP CA  C    sing N N 58  
ASP CA  CB   sing N N 59  
ASP CA  HA   sing N N 60  
ASP C   O    doub N N 61  
ASP C   OXT  sing N N 62  
ASP CB  CG   sing N N 63  
ASP CB  HB2  sing N N 64  
ASP CB  HB3  sing N N 65  
ASP CG  OD1  doub N N 66  
ASP CG  OD2  sing N N 67  
ASP OD2 HD2  sing N N 68  
ASP OXT HXT  sing N N 69  
CYS N   CA   sing N N 70  
CYS N   H    sing N N 71  
CYS N   H2   sing N N 72  
CYS CA  C    sing N N 73  
CYS CA  CB   sing N N 74  
CYS CA  HA   sing N N 75  
CYS C   O    doub N N 76  
CYS C   OXT  sing N N 77  
CYS CB  SG   sing N N 78  
CYS CB  HB2  sing N N 79  
CYS CB  HB3  sing N N 80  
CYS SG  HG   sing N N 81  
CYS OXT HXT  sing N N 82  
GLN N   CA   sing N N 83  
GLN N   H    sing N N 84  
GLN N   H2   sing N N 85  
GLN CA  C    sing N N 86  
GLN CA  CB   sing N N 87  
GLN CA  HA   sing N N 88  
GLN C   O    doub N N 89  
GLN C   OXT  sing N N 90  
GLN CB  CG   sing N N 91  
GLN CB  HB2  sing N N 92  
GLN CB  HB3  sing N N 93  
GLN CG  CD   sing N N 94  
GLN CG  HG2  sing N N 95  
GLN CG  HG3  sing N N 96  
GLN CD  OE1  doub N N 97  
GLN CD  NE2  sing N N 98  
GLN NE2 HE21 sing N N 99  
GLN NE2 HE22 sing N N 100 
GLN OXT HXT  sing N N 101 
GLU N   CA   sing N N 102 
GLU N   H    sing N N 103 
GLU N   H2   sing N N 104 
GLU CA  C    sing N N 105 
GLU CA  CB   sing N N 106 
GLU CA  HA   sing N N 107 
GLU C   O    doub N N 108 
GLU C   OXT  sing N N 109 
GLU CB  CG   sing N N 110 
GLU CB  HB2  sing N N 111 
GLU CB  HB3  sing N N 112 
GLU CG  CD   sing N N 113 
GLU CG  HG2  sing N N 114 
GLU CG  HG3  sing N N 115 
GLU CD  OE1  doub N N 116 
GLU CD  OE2  sing N N 117 
GLU OE2 HE2  sing N N 118 
GLU OXT HXT  sing N N 119 
GLY N   CA   sing N N 120 
GLY N   H    sing N N 121 
GLY N   H2   sing N N 122 
GLY CA  C    sing N N 123 
GLY CA  HA2  sing N N 124 
GLY CA  HA3  sing N N 125 
GLY C   O    doub N N 126 
GLY C   OXT  sing N N 127 
GLY OXT HXT  sing N N 128 
HIS N   CA   sing N N 129 
HIS N   H    sing N N 130 
HIS N   H2   sing N N 131 
HIS CA  C    sing N N 132 
HIS CA  CB   sing N N 133 
HIS CA  HA   sing N N 134 
HIS C   O    doub N N 135 
HIS C   OXT  sing N N 136 
HIS CB  CG   sing N N 137 
HIS CB  HB2  sing N N 138 
HIS CB  HB3  sing N N 139 
HIS CG  ND1  sing Y N 140 
HIS CG  CD2  doub Y N 141 
HIS ND1 CE1  doub Y N 142 
HIS ND1 HD1  sing N N 143 
HIS CD2 NE2  sing Y N 144 
HIS CD2 HD2  sing N N 145 
HIS CE1 NE2  sing Y N 146 
HIS CE1 HE1  sing N N 147 
HIS NE2 HE2  sing N N 148 
HIS OXT HXT  sing N N 149 
ILE N   CA   sing N N 150 
ILE N   H    sing N N 151 
ILE N   H2   sing N N 152 
ILE CA  C    sing N N 153 
ILE CA  CB   sing N N 154 
ILE CA  HA   sing N N 155 
ILE C   O    doub N N 156 
ILE C   OXT  sing N N 157 
ILE CB  CG1  sing N N 158 
ILE CB  CG2  sing N N 159 
ILE CB  HB   sing N N 160 
ILE CG1 CD1  sing N N 161 
ILE CG1 HG12 sing N N 162 
ILE CG1 HG13 sing N N 163 
ILE CG2 HG21 sing N N 164 
ILE CG2 HG22 sing N N 165 
ILE CG2 HG23 sing N N 166 
ILE CD1 HD11 sing N N 167 
ILE CD1 HD12 sing N N 168 
ILE CD1 HD13 sing N N 169 
ILE OXT HXT  sing N N 170 
LEU N   CA   sing N N 171 
LEU N   H    sing N N 172 
LEU N   H2   sing N N 173 
LEU CA  C    sing N N 174 
LEU CA  CB   sing N N 175 
LEU CA  HA   sing N N 176 
LEU C   O    doub N N 177 
LEU C   OXT  sing N N 178 
LEU CB  CG   sing N N 179 
LEU CB  HB2  sing N N 180 
LEU CB  HB3  sing N N 181 
LEU CG  CD1  sing N N 182 
LEU CG  CD2  sing N N 183 
LEU CG  HG   sing N N 184 
LEU CD1 HD11 sing N N 185 
LEU CD1 HD12 sing N N 186 
LEU CD1 HD13 sing N N 187 
LEU CD2 HD21 sing N N 188 
LEU CD2 HD22 sing N N 189 
LEU CD2 HD23 sing N N 190 
LEU OXT HXT  sing N N 191 
LYS N   CA   sing N N 192 
LYS N   H    sing N N 193 
LYS N   H2   sing N N 194 
LYS CA  C    sing N N 195 
LYS CA  CB   sing N N 196 
LYS CA  HA   sing N N 197 
LYS C   O    doub N N 198 
LYS C   OXT  sing N N 199 
LYS CB  CG   sing N N 200 
LYS CB  HB2  sing N N 201 
LYS CB  HB3  sing N N 202 
LYS CG  CD   sing N N 203 
LYS CG  HG2  sing N N 204 
LYS CG  HG3  sing N N 205 
LYS CD  CE   sing N N 206 
LYS CD  HD2  sing N N 207 
LYS CD  HD3  sing N N 208 
LYS CE  NZ   sing N N 209 
LYS CE  HE2  sing N N 210 
LYS CE  HE3  sing N N 211 
LYS NZ  HZ1  sing N N 212 
LYS NZ  HZ2  sing N N 213 
LYS NZ  HZ3  sing N N 214 
LYS OXT HXT  sing N N 215 
MET N   CA   sing N N 216 
MET N   H    sing N N 217 
MET N   H2   sing N N 218 
MET CA  C    sing N N 219 
MET CA  CB   sing N N 220 
MET CA  HA   sing N N 221 
MET C   O    doub N N 222 
MET C   OXT  sing N N 223 
MET CB  CG   sing N N 224 
MET CB  HB2  sing N N 225 
MET CB  HB3  sing N N 226 
MET CG  SD   sing N N 227 
MET CG  HG2  sing N N 228 
MET CG  HG3  sing N N 229 
MET SD  CE   sing N N 230 
MET CE  HE1  sing N N 231 
MET CE  HE2  sing N N 232 
MET CE  HE3  sing N N 233 
MET OXT HXT  sing N N 234 
PHE N   CA   sing N N 235 
PHE N   H    sing N N 236 
PHE N   H2   sing N N 237 
PHE CA  C    sing N N 238 
PHE CA  CB   sing N N 239 
PHE CA  HA   sing N N 240 
PHE C   O    doub N N 241 
PHE C   OXT  sing N N 242 
PHE CB  CG   sing N N 243 
PHE CB  HB2  sing N N 244 
PHE CB  HB3  sing N N 245 
PHE CG  CD1  doub Y N 246 
PHE CG  CD2  sing Y N 247 
PHE CD1 CE1  sing Y N 248 
PHE CD1 HD1  sing N N 249 
PHE CD2 CE2  doub Y N 250 
PHE CD2 HD2  sing N N 251 
PHE CE1 CZ   doub Y N 252 
PHE CE1 HE1  sing N N 253 
PHE CE2 CZ   sing Y N 254 
PHE CE2 HE2  sing N N 255 
PHE CZ  HZ   sing N N 256 
PHE OXT HXT  sing N N 257 
PRO N   CA   sing N N 258 
PRO N   CD   sing N N 259 
PRO N   H    sing N N 260 
PRO CA  C    sing N N 261 
PRO CA  CB   sing N N 262 
PRO CA  HA   sing N N 263 
PRO C   O    doub N N 264 
PRO C   OXT  sing N N 265 
PRO CB  CG   sing N N 266 
PRO CB  HB2  sing N N 267 
PRO CB  HB3  sing N N 268 
PRO CG  CD   sing N N 269 
PRO CG  HG2  sing N N 270 
PRO CG  HG3  sing N N 271 
PRO CD  HD2  sing N N 272 
PRO CD  HD3  sing N N 273 
PRO OXT HXT  sing N N 274 
SER N   CA   sing N N 275 
SER N   H    sing N N 276 
SER N   H2   sing N N 277 
SER CA  C    sing N N 278 
SER CA  CB   sing N N 279 
SER CA  HA   sing N N 280 
SER C   O    doub N N 281 
SER C   OXT  sing N N 282 
SER CB  OG   sing N N 283 
SER CB  HB2  sing N N 284 
SER CB  HB3  sing N N 285 
SER OG  HG   sing N N 286 
SER OXT HXT  sing N N 287 
THR N   CA   sing N N 288 
THR N   H    sing N N 289 
THR N   H2   sing N N 290 
THR CA  C    sing N N 291 
THR CA  CB   sing N N 292 
THR CA  HA   sing N N 293 
THR C   O    doub N N 294 
THR C   OXT  sing N N 295 
THR CB  OG1  sing N N 296 
THR CB  CG2  sing N N 297 
THR CB  HB   sing N N 298 
THR OG1 HG1  sing N N 299 
THR CG2 HG21 sing N N 300 
THR CG2 HG22 sing N N 301 
THR CG2 HG23 sing N N 302 
THR OXT HXT  sing N N 303 
TYR N   CA   sing N N 304 
TYR N   H    sing N N 305 
TYR N   H2   sing N N 306 
TYR CA  C    sing N N 307 
TYR CA  CB   sing N N 308 
TYR CA  HA   sing N N 309 
TYR C   O    doub N N 310 
TYR C   OXT  sing N N 311 
TYR CB  CG   sing N N 312 
TYR CB  HB2  sing N N 313 
TYR CB  HB3  sing N N 314 
TYR CG  CD1  doub Y N 315 
TYR CG  CD2  sing Y N 316 
TYR CD1 CE1  sing Y N 317 
TYR CD1 HD1  sing N N 318 
TYR CD2 CE2  doub Y N 319 
TYR CD2 HD2  sing N N 320 
TYR CE1 CZ   doub Y N 321 
TYR CE1 HE1  sing N N 322 
TYR CE2 CZ   sing Y N 323 
TYR CE2 HE2  sing N N 324 
TYR CZ  OH   sing N N 325 
TYR OH  HH   sing N N 326 
TYR OXT HXT  sing N N 327 
VAL N   CA   sing N N 328 
VAL N   H    sing N N 329 
VAL N   H2   sing N N 330 
VAL CA  C    sing N N 331 
VAL CA  CB   sing N N 332 
VAL CA  HA   sing N N 333 
VAL C   O    doub N N 334 
VAL C   OXT  sing N N 335 
VAL CB  CG1  sing N N 336 
VAL CB  CG2  sing N N 337 
VAL CB  HB   sing N N 338 
VAL CG1 HG11 sing N N 339 
VAL CG1 HG12 sing N N 340 
VAL CG1 HG13 sing N N 341 
VAL CG2 HG21 sing N N 342 
VAL CG2 HG22 sing N N 343 
VAL CG2 HG23 sing N N 344 
VAL OXT HXT  sing N N 345 
# 
loop_
_pdbx_coordinate_model.asym_id 
_pdbx_coordinate_model.type 
A 'CA ATOMS ONLY' 
B 'CA ATOMS ONLY' 
C 'CA ATOMS ONLY' 
D 'CA ATOMS ONLY' 
# 
_atom_sites.entry_id                    1HIO 
_atom_sites.fract_transf_matrix[1][1]   0.00475319 
_atom_sites.fract_transf_matrix[1][2]   -0.00438867 
_atom_sites.fract_transf_matrix[1][3]   0.00725159 
_atom_sites.fract_transf_matrix[2][1]   0.00970686 
_atom_sites.fract_transf_matrix[2][2]   -0.00044876 
_atom_sites.fract_transf_matrix[2][3]   -0.00012250 
_atom_sites.fract_transf_matrix[3][1]   0.00045041 
_atom_sites.fract_transf_matrix[3][2]   0.00843044 
_atom_sites.fract_transf_matrix[3][3]   0.00480688 
_atom_sites.fract_transf_vector[1]      0.570883 
_atom_sites.fract_transf_vector[2]      0.487352 
_atom_sites.fract_transf_vector[3]      0.066184 
# 
_atom_type.symbol   C 
# 
loop_
_atom_site.group_PDB 
_atom_site.id 
_atom_site.type_symbol 
_atom_site.label_atom_id 
_atom_site.label_alt_id 
_atom_site.label_comp_id 
_atom_site.label_asym_id 
_atom_site.label_entity_id 
_atom_site.label_seq_id 
_atom_site.pdbx_PDB_ins_code 
_atom_site.Cartn_x 
_atom_site.Cartn_y 
_atom_site.Cartn_z 
_atom_site.occupancy 
_atom_site.B_iso_or_equiv 
_atom_site.pdbx_formal_charge 
_atom_site.auth_seq_id 
_atom_site.auth_comp_id 
_atom_site.auth_asym_id 
_atom_site.auth_atom_id 
_atom_site.pdbx_PDB_model_num 
ATOM 1   C CA . LYS A 1 1  ? 14.601  -25.357 22.496  1.00 0.00 ? 15  LYS A CA 1 
ATOM 2   C CA . SER A 1 2  ? 13.506  -23.965 19.145  1.00 0.00 ? 16  SER A CA 1 
ATOM 3   C CA . ARG A 1 3  ? 13.800  -20.212 18.656  1.00 0.00 ? 17  ARG A CA 1 
ATOM 4   C CA . SER A 1 4  ? 10.353  -20.903 17.336  1.00 0.00 ? 18  SER A CA 1 
ATOM 5   C CA . SER A 1 5  ? 9.297   -22.417 20.656  1.00 0.00 ? 19  SER A CA 1 
ATOM 6   C CA . ARG A 1 6  ? 11.188  -19.640 22.460  1.00 0.00 ? 20  ARG A CA 1 
ATOM 7   C CA . ALA A 1 7  ? 9.339   -16.940 20.506  1.00 0.00 ? 21  ALA A CA 1 
ATOM 8   C CA . GLY A 1 8  ? 6.163   -18.943 21.093  1.00 0.00 ? 22  GLY A CA 1 
ATOM 9   C CA . LEU A 1 9  ? 5.459   -19.476 17.397  1.00 0.00 ? 23  LEU A CA 1 
ATOM 10  C CA . GLN A 1 10 ? 4.638   -22.195 14.923  1.00 0.00 ? 24  GLN A CA 1 
ATOM 11  C CA . PHE A 1 11 ? 6.442   -20.677 11.914  1.00 0.00 ? 25  PHE A CA 1 
ATOM 12  C CA . PRO A 1 12 ? 10.105  -21.581 11.562  1.00 0.00 ? 26  PRO A CA 1 
ATOM 13  C CA . VAL A 1 13 ? 12.394  -18.795 12.762  1.00 0.00 ? 27  VAL A CA 1 
ATOM 14  C CA . GLY A 1 14 ? 15.289  -20.909 11.533  1.00 0.00 ? 28  GLY A CA 1 
ATOM 15  C CA . ARG A 1 15 ? 14.090  -21.182 7.946   1.00 0.00 ? 29  ARG A CA 1 
ATOM 16  C CA . VAL A 1 16 ? 13.167  -17.493 7.881   1.00 0.00 ? 30  VAL A CA 1 
ATOM 17  C CA . HIS A 1 17 ? 16.676  -16.717 9.216   1.00 0.00 ? 31  HIS A CA 1 
ATOM 18  C CA . ARG A 1 18 ? 18.347  -18.468 6.274   1.00 0.00 ? 32  ARG A CA 1 
ATOM 19  C CA . LEU A 1 19 ? 16.224  -16.585 3.755   1.00 0.00 ? 33  LEU A CA 1 
ATOM 20  C CA . LEU A 1 20 ? 17.022  -13.111 5.162   1.00 0.00 ? 34  LEU A CA 1 
ATOM 21  C CA . ARG A 1 21 ? 20.649  -14.156 4.720   1.00 0.00 ? 35  ARG A CA 1 
ATOM 22  C CA . LYS A 1 22 ? 20.663  -16.141 1.491   1.00 0.00 ? 36  LYS A CA 1 
ATOM 23  C CA . GLY A 1 23 ? 18.004  -14.022 -0.282  1.00 0.00 ? 37  GLY A CA 1 
ATOM 24  C CA . ASN A 1 24 ? 20.696  -11.400 0.229   1.00 0.00 ? 38  ASN A CA 1 
ATOM 25  C CA . TYR A 1 25 ? 19.281  -8.473  2.193   1.00 0.00 ? 39  TYR A CA 1 
ATOM 26  C CA . ALA A 1 26 ? 21.885  -6.161  3.707   1.00 0.00 ? 40  ALA A CA 1 
ATOM 27  C CA . GLU A 1 27 ? 25.323  -7.368  4.806   1.00 0.00 ? 41  GLU A CA 1 
ATOM 28  C CA . ARG A 1 28 ? 23.893  -9.749  7.405   1.00 0.00 ? 42  ARG A CA 1 
ATOM 29  C CA . VAL A 1 29 ? 20.557  -9.731  9.224   1.00 0.00 ? 43  VAL A CA 1 
ATOM 30  C CA . GLY A 1 30 ? 19.957  -9.358  12.968  1.00 0.00 ? 44  GLY A CA 1 
ATOM 31  C CA . ALA A 1 31 ? 18.278  -11.831 15.319  1.00 0.00 ? 45  ALA A CA 1 
ATOM 32  C CA . GLY A 1 32 ? 14.948  -10.156 16.183  1.00 0.00 ? 46  GLY A CA 1 
ATOM 33  C CA . ALA A 1 33 ? 14.487  -10.059 12.434  1.00 0.00 ? 47  ALA A CA 1 
ATOM 34  C CA . PRO A 1 34 ? 13.525  -13.675 11.806  1.00 0.00 ? 48  PRO A CA 1 
ATOM 35  C CA . VAL A 1 35 ? 11.413  -14.060 14.950  1.00 0.00 ? 49  VAL A CA 1 
ATOM 36  C CA . TYR A 1 36 ? 9.619   -10.811 14.007  1.00 0.00 ? 50  TYR A CA 1 
ATOM 37  C CA . LEU A 1 37 ? 9.137   -11.597 10.349  1.00 0.00 ? 51  LEU A CA 1 
ATOM 38  C CA . ALA A 1 38 ? 8.288   -15.198 11.325  1.00 0.00 ? 52  ALA A CA 1 
ATOM 39  C CA . ALA A 1 39 ? 5.582   -13.972 13.608  1.00 0.00 ? 53  ALA A CA 1 
ATOM 40  C CA . VAL A 1 40 ? 3.940   -11.834 10.905  1.00 0.00 ? 54  VAL A CA 1 
ATOM 41  C CA . LEU A 1 41 ? 3.729   -14.804 8.553   1.00 0.00 ? 55  LEU A CA 1 
ATOM 42  C CA . GLU A 1 42 ? 2.337   -16.897 11.362  1.00 0.00 ? 56  GLU A CA 1 
ATOM 43  C CA . TYR A 1 43 ? -0.046  -13.980 11.890  1.00 0.00 ? 57  TYR A CA 1 
ATOM 44  C CA . LEU A 1 44 ? -1.421  -13.576 8.317   1.00 0.00 ? 58  LEU A CA 1 
ATOM 45  C CA . THR A 1 45 ? -1.778  -17.340 7.747   1.00 0.00 ? 59  THR A CA 1 
ATOM 46  C CA . ALA A 1 46 ? -4.069  -17.532 10.701  1.00 0.00 ? 60  ALA A CA 1 
ATOM 47  C CA . GLU A 1 47 ? -5.805  -14.467 9.341   1.00 0.00 ? 61  GLU A CA 1 
ATOM 48  C CA . ILE A 1 48 ? -6.429  -16.142 5.983   1.00 0.00 ? 62  ILE A CA 1 
ATOM 49  C CA . LEU A 1 49 ? -7.042  -19.620 7.386   1.00 0.00 ? 63  LEU A CA 1 
ATOM 50  C CA . GLU A 1 50 ? -9.692  -18.408 9.897   1.00 0.00 ? 64  GLU A CA 1 
ATOM 51  C CA . LEU A 1 51 ? -11.759 -16.585 7.293   1.00 0.00 ? 65  LEU A CA 1 
ATOM 52  C CA . ALA A 1 52 ? -10.965 -19.359 4.798   1.00 0.00 ? 66  ALA A CA 1 
ATOM 53  C CA . GLY A 1 53 ? -12.120 -22.214 6.957   1.00 0.00 ? 67  GLY A CA 1 
ATOM 54  C CA . ASN A 1 54 ? -14.992 -20.008 8.077   1.00 0.00 ? 68  ASN A CA 1 
ATOM 55  C CA . ALA A 1 55 ? -16.270 -20.043 4.536   1.00 0.00 ? 69  ALA A CA 1 
ATOM 56  C CA . ALA A 1 56 ? -15.589 -23.789 4.285   1.00 0.00 ? 70  ALA A CA 1 
ATOM 57  C CA . ARG A 1 57 ? -17.971 -24.388 7.163   1.00 0.00 ? 71  ARG A CA 1 
ATOM 58  C CA . ASP A 1 58 ? -20.290 -21.972 5.521   1.00 0.00 ? 72  ASP A CA 1 
ATOM 59  C CA . ASN A 1 59 ? -20.681 -23.592 2.119   1.00 0.00 ? 73  ASN A CA 1 
ATOM 60  C CA . LYS A 1 60 ? -20.926 -26.923 3.958   1.00 0.00 ? 74  LYS A CA 1 
ATOM 61  C CA . LYS A 1 61 ? -17.584 -28.405 2.959   1.00 0.00 ? 75  LYS A CA 1 
ATOM 62  C CA . THR A 1 62 ? -15.207 -29.554 5.656   1.00 0.00 ? 76  THR A CA 1 
ATOM 63  C CA . ARG A 1 63 ? -11.987 -29.181 3.620   1.00 0.00 ? 77  ARG A CA 1 
ATOM 64  C CA . ILE A 1 64 ? -10.695 -25.711 2.703   1.00 0.00 ? 78  ILE A CA 1 
ATOM 65  C CA . ILE A 1 65 ? -10.522 -25.704 -1.097  1.00 0.00 ? 79  ILE A CA 1 
ATOM 66  C CA . PRO A 1 66 ? -9.161  -22.763 -3.089  1.00 0.00 ? 80  PRO A CA 1 
ATOM 67  C CA . ARG A 1 67 ? -12.622 -21.212 -3.563  1.00 0.00 ? 81  ARG A CA 1 
ATOM 68  C CA . HIS A 1 68 ? -12.446 -20.756 0.172   1.00 0.00 ? 82  HIS A CA 1 
ATOM 69  C CA . LEU A 1 69 ? -9.263  -18.740 -0.029  1.00 0.00 ? 83  LEU A CA 1 
ATOM 70  C CA . GLN A 1 70 ? -10.851 -16.539 -2.701  1.00 0.00 ? 84  GLN A CA 1 
ATOM 71  C CA . LEU A 1 71 ? -14.124 -15.697 -1.031  1.00 0.00 ? 85  LEU A CA 1 
ATOM 72  C CA . ALA A 1 72 ? -12.071 -15.418 2.144   1.00 0.00 ? 86  ALA A CA 1 
ATOM 73  C CA . ILE A 1 73 ? -9.670  -12.881 0.803   1.00 0.00 ? 87  ILE A CA 1 
ATOM 74  C CA . ARG A 1 74 ? -12.121 -11.157 -1.505  1.00 0.00 ? 88  ARG A CA 1 
ATOM 75  C CA . ASN A 1 75 ? -14.695 -10.636 1.200   1.00 0.00 ? 89  ASN A CA 1 
ATOM 76  C CA . ASP A 1 76 ? -12.134 -9.053  3.609   1.00 0.00 ? 90  ASP A CA 1 
ATOM 77  C CA . GLU A 1 77 ? -11.674 -5.373  2.640   1.00 0.00 ? 91  GLU A CA 1 
ATOM 78  C CA . GLU A 1 78 ? -8.071  -5.205  3.751   1.00 0.00 ? 92  GLU A CA 1 
ATOM 79  C CA . LEU A 1 79 ? -7.058  -8.718  2.649   1.00 0.00 ? 93  LEU A CA 1 
ATOM 80  C CA . ASN A 1 80 ? -8.479  -7.845  -0.727  1.00 0.00 ? 94  ASN A CA 1 
ATOM 81  C CA . LYS A 1 81 ? -6.230  -4.794  -0.488  1.00 0.00 ? 95  LYS A CA 1 
ATOM 82  C CA . LEU A 1 82 ? -3.079  -6.821  0.279   1.00 0.00 ? 96  LEU A CA 1 
ATOM 83  C CA . LEU A 1 83 ? -3.613  -9.504  -2.359  1.00 0.00 ? 97  LEU A CA 1 
ATOM 84  C CA . GLY A 1 84 ? -5.122  -7.297  -5.058  1.00 0.00 ? 98  GLY A CA 1 
ATOM 85  C CA . LYS A 1 85 ? -2.830  -8.191  -7.928  1.00 0.00 ? 99  LYS A CA 1 
ATOM 86  C CA . VAL A 1 86 ? -2.747  -11.832 -6.817  1.00 0.00 ? 100 VAL A CA 1 
ATOM 87  C CA . THR A 1 87 ? -4.490  -14.644 -8.678  1.00 0.00 ? 101 THR A CA 1 
ATOM 88  C CA . ILE A 1 88 ? -5.500  -18.164 -7.734  1.00 0.00 ? 102 ILE A CA 1 
ATOM 89  C CA . ALA A 1 89 ? -5.170  -21.282 -9.905  1.00 0.00 ? 103 ALA A CA 1 
ATOM 90  C CA . GLN A 1 90 ? -8.595  -22.638 -8.908  1.00 0.00 ? 104 GLN A CA 1 
ATOM 91  C CA . GLY A 1 91 ? -10.323 -19.327 -8.118  1.00 0.00 ? 105 GLY A CA 1 
ATOM 92  C CA . GLY A 1 92 ? -13.700 -17.816 -9.008  1.00 0.00 ? 106 GLY A CA 1 
ATOM 93  C CA . VAL A 1 93 ? -15.115 -14.326 -9.528  1.00 0.00 ? 107 VAL A CA 1 
ATOM 94  C CA . LEU A 1 94 ? -18.378 -14.056 -7.611  1.00 0.00 ? 108 LEU A CA 1 
ATOM 95  C CA . PRO A 1 95 ? -20.813 -11.116 -7.846  1.00 0.00 ? 109 PRO A CA 1 
ATOM 96  C CA . SER B 2 1  ? 7.557   -25.678 2.438   1.00 0.00 ? 36  SER B CA 1 
ATOM 97  C CA . TYR B 2 2  ? 5.582   -23.882 5.202   1.00 0.00 ? 37  TYR B CA 1 
ATOM 98  C CA . SER B 2 3  ? 3.049   -26.603 4.646   1.00 0.00 ? 38  SER B CA 1 
ATOM 99  C CA . ILE B 2 4  ? 3.895   -28.195 8.002   1.00 0.00 ? 39  ILE B CA 1 
ATOM 100 C CA . TYR B 2 5  ? 3.314   -24.867 9.695   1.00 0.00 ? 40  TYR B CA 1 
ATOM 101 C CA . VAL B 2 6  ? 0.307   -23.770 7.648   1.00 0.00 ? 41  VAL B CA 1 
ATOM 102 C CA . TYR B 2 7  ? -1.303  -26.975 8.891   1.00 0.00 ? 42  TYR B CA 1 
ATOM 103 C CA . LYS B 2 8  ? -0.289  -26.544 12.531  1.00 0.00 ? 43  LYS B CA 1 
ATOM 104 C CA . VAL B 2 9  ? -1.693  -23.002 12.449  1.00 0.00 ? 44  VAL B CA 1 
ATOM 105 C CA . LEU B 2 10 ? -4.763  -24.367 10.651  1.00 0.00 ? 45  LEU B CA 1 
ATOM 106 C CA . LYS B 2 11 ? -5.264  -26.896 13.406  1.00 0.00 ? 46  LYS B CA 1 
ATOM 107 C CA . GLN B 2 12 ? -4.824  -23.872 15.659  1.00 0.00 ? 47  GLN B CA 1 
ATOM 108 C CA . VAL B 2 13 ? -7.645  -21.920 13.958  1.00 0.00 ? 48  VAL B CA 1 
ATOM 109 C CA . HIS B 2 14 ? -10.154 -24.837 14.163  1.00 0.00 ? 49  HIS B CA 1 
ATOM 110 C CA . PRO B 2 15 ? -9.018  -27.826 13.912  1.00 0.00 ? 50  PRO B CA 1 
ATOM 111 C CA . ASP B 2 16 ? -12.183 -29.940 12.961  1.00 0.00 ? 51  ASP B CA 1 
ATOM 112 C CA . THR B 2 17 ? -11.585 -28.724 9.322   1.00 0.00 ? 52  THR B CA 1 
ATOM 113 C CA . GLY B 2 18 ? -8.852  -29.443 6.776   1.00 0.00 ? 53  GLY B CA 1 
ATOM 114 C CA . ILE B 2 19 ? -7.248  -27.657 3.832   1.00 0.00 ? 54  ILE B CA 1 
ATOM 115 C CA . SER B 2 20 ? -6.869  -29.107 0.354   1.00 0.00 ? 55  SER B CA 1 
ATOM 116 C CA . SER B 2 21 ? -3.463  -29.752 -1.224  1.00 0.00 ? 56  SER B CA 1 
ATOM 117 C CA . LYS B 2 22 ? -4.215  -27.569 -4.273  1.00 0.00 ? 57  LYS B CA 1 
ATOM 118 C CA . ALA B 2 23 ? -5.298  -25.150 -1.583  1.00 0.00 ? 58  ALA B CA 1 
ATOM 119 C CA . MET B 2 24 ? -2.098  -25.716 0.392   1.00 0.00 ? 59  MET B CA 1 
ATOM 120 C CA . GLY B 2 25 ? -0.199  -24.590 -2.698  1.00 0.00 ? 60  GLY B CA 1 
ATOM 121 C CA . SER B 2 26 ? -1.950  -21.225 -2.369  1.00 0.00 ? 61  SER B CA 1 
ATOM 122 C CA . MET B 2 27 ? -0.964  -21.011 1.317   1.00 0.00 ? 62  MET B CA 1 
ATOM 123 C CA . ASN B 2 28 ? 2.629   -21.676 0.358   1.00 0.00 ? 63  ASN B CA 1 
ATOM 124 C CA . SER B 2 29 ? 2.516   -19.162 -2.506  1.00 0.00 ? 64  SER B CA 1 
ATOM 125 C CA . PHE B 2 30 ? 1.086   -16.759 -0.014  1.00 0.00 ? 65  PHE B CA 1 
ATOM 126 C CA . VAL B 2 31 ? 3.767   -17.232 2.612   1.00 0.00 ? 66  VAL B CA 1 
ATOM 127 C CA . ASN B 2 32 ? 6.597   -16.993 0.075   1.00 0.00 ? 67  ASN B CA 1 
ATOM 128 C CA . ASP B 2 33 ? 4.998   -14.019 -1.539  1.00 0.00 ? 68  ASP B CA 1 
ATOM 129 C CA . ILE B 2 34 ? 4.594   -11.754 1.492   1.00 0.00 ? 69  ILE B CA 1 
ATOM 130 C CA . PHE B 2 35 ? 7.922   -13.049 2.855   1.00 0.00 ? 70  PHE B CA 1 
ATOM 131 C CA . GLU B 2 36 ? 9.528   -11.569 -0.276  1.00 0.00 ? 71  GLU B CA 1 
ATOM 132 C CA . ARG B 2 37 ? 7.497   -8.367  -0.084  1.00 0.00 ? 72  ARG B CA 1 
ATOM 133 C CA . ILE B 2 38 ? 8.441   -7.645  3.487   1.00 0.00 ? 73  ILE B CA 1 
ATOM 134 C CA . ALA B 2 39 ? 12.032  -8.800  3.334   1.00 0.00 ? 74  ALA B CA 1 
ATOM 135 C CA . GLY B 2 40 ? 12.034  -6.612  0.248   1.00 0.00 ? 75  GLY B CA 1 
ATOM 136 C CA . LEU B 2 41 ? 11.355  -3.183  1.792   1.00 0.00 ? 76  LEU B CA 1 
ATOM 137 C CA . ALA B 2 42 ? 13.310  -4.467  4.811   1.00 0.00 ? 77  ALA B CA 1 
ATOM 138 C CA . SER B 2 43 ? 16.269  -4.303  2.431   1.00 0.00 ? 78  SER B CA 1 
ATOM 139 C CA . ARG B 2 44 ? 15.242  -1.036  0.822   1.00 0.00 ? 79  ARG B CA 1 
ATOM 140 C CA . LEU B 2 45 ? 14.972  0.747   4.108   1.00 0.00 ? 80  LEU B CA 1 
ATOM 141 C CA . ALA B 2 46 ? 18.382  -0.448  5.325   1.00 0.00 ? 81  ALA B CA 1 
ATOM 142 C CA . HIS B 2 47 ? 19.819  0.937   2.092   1.00 0.00 ? 82  HIS B CA 1 
ATOM 143 C CA . TYR B 2 48 ? 18.026  4.287   2.337   1.00 0.00 ? 83  TYR B CA 1 
ATOM 144 C CA . ASN B 2 49 ? 19.092  4.587   5.915   1.00 0.00 ? 84  ASN B CA 1 
ATOM 145 C CA . LYS B 2 50 ? 22.538  3.391   4.883   1.00 0.00 ? 85  LYS B CA 1 
ATOM 146 C CA . ARG B 2 51 ? 22.503  1.070   7.942   1.00 0.00 ? 86  ARG B CA 1 
ATOM 147 C CA . SER B 2 52 ? 22.829  -2.252  6.101   1.00 0.00 ? 87  SER B CA 1 
ATOM 148 C CA . THR B 2 53 ? 21.914  -4.711  8.769   1.00 0.00 ? 88  THR B CA 1 
ATOM 149 C CA . ILE B 2 54 ? 18.293  -5.829  8.536   1.00 0.00 ? 89  ILE B CA 1 
ATOM 150 C CA . THR B 2 55 ? 16.769  -5.023  11.909  1.00 0.00 ? 90  THR B CA 1 
ATOM 151 C CA . SER B 2 56 ? 13.305  -5.448  13.428  1.00 0.00 ? 91  SER B CA 1 
ATOM 152 C CA . ARG B 2 57 ? 12.990  -1.725  13.039  1.00 0.00 ? 92  ARG B CA 1 
ATOM 153 C CA . GLU B 2 58 ? 12.994  -2.810  9.418   1.00 0.00 ? 93  GLU B CA 1 
ATOM 154 C CA . ILE B 2 59 ? 10.557  -5.754  9.483   1.00 0.00 ? 94  ILE B CA 1 
ATOM 155 C CA . GLN B 2 60 ? 8.276   -3.409  11.416  1.00 0.00 ? 95  GLN B CA 1 
ATOM 156 C CA . THR B 2 61 ? 8.478   -0.337  9.205   1.00 0.00 ? 96  THR B CA 1 
ATOM 157 C CA . ALA B 2 62 ? 8.439   -2.713  6.285   1.00 0.00 ? 97  ALA B CA 1 
ATOM 158 C CA . VAL B 2 63 ? 5.307   -4.316  7.640   1.00 0.00 ? 98  VAL B CA 1 
ATOM 159 C CA . ARG B 2 64 ? 3.869   -0.906  8.417   1.00 0.00 ? 99  ARG B CA 1 
ATOM 160 C CA . LEU B 2 65 ? 4.476   0.226   4.862   1.00 0.00 ? 100 LEU B CA 1 
ATOM 161 C CA . LEU B 2 66 ? 2.937   -2.851  3.278   1.00 0.00 ? 101 LEU B CA 1 
ATOM 162 C CA . LEU B 2 67 ? -0.159  -4.040  5.139   1.00 0.00 ? 102 LEU B CA 1 
ATOM 163 C CA . PRO B 2 68 ? -3.508  -2.236  5.124   1.00 0.00 ? 103 PRO B CA 1 
ATOM 164 C CA . GLY B 2 69 ? -4.156  -0.672  8.555   1.00 0.00 ? 104 GLY B CA 1 
ATOM 165 C CA . GLU B 2 70 ? -5.579  -2.755  11.370  1.00 0.00 ? 105 GLU B CA 1 
ATOM 166 C CA . LEU B 2 71 ? -4.049  -5.724  9.513   1.00 0.00 ? 106 LEU B CA 1 
ATOM 167 C CA . ALA B 2 72 ? -1.004  -3.524  9.803   1.00 0.00 ? 107 ALA B CA 1 
ATOM 168 C CA . LYS B 2 73 ? -1.398  -2.774  13.482  1.00 0.00 ? 108 LYS B CA 1 
ATOM 169 C CA . HIS B 2 74 ? -1.856  -6.417  14.628  1.00 0.00 ? 109 HIS B CA 1 
ATOM 170 C CA . ALA B 2 75 ? 0.949   -7.908  12.623  1.00 0.00 ? 110 ALA B CA 1 
ATOM 171 C CA . VAL B 2 76 ? 3.178   -5.300  14.286  1.00 0.00 ? 111 VAL B CA 1 
ATOM 172 C CA . SER B 2 77 ? 2.162   -6.097  17.842  1.00 0.00 ? 112 SER B CA 1 
ATOM 173 C CA . GLU B 2 78 ? 2.346   -9.783  17.033  1.00 0.00 ? 113 GLU B CA 1 
ATOM 174 C CA . GLY B 2 79 ? 5.927   -9.116  16.100  1.00 0.00 ? 114 GLY B CA 1 
ATOM 175 C CA . THR B 2 80 ? 6.986   -6.989  19.060  1.00 0.00 ? 115 THR B CA 1 
ATOM 176 C CA . LYS B 2 81 ? 5.226   -9.540  21.174  1.00 0.00 ? 116 LYS B CA 1 
ATOM 177 C CA . ALA B 2 82 ? 7.203   -12.350 19.537  1.00 0.00 ? 117 ALA B CA 1 
ATOM 178 C CA . VAL B 2 83 ? 10.685  -10.788 19.466  1.00 0.00 ? 118 VAL B CA 1 
ATOM 179 C CA . THR B 2 84 ? 10.230  -9.682  23.065  1.00 0.00 ? 119 THR B CA 1 
ATOM 180 C CA . LYS B 2 85 ? 9.197   -13.109 24.274  1.00 0.00 ? 120 LYS B CA 1 
ATOM 181 C CA . HIS B 2 86 ? 12.293  -14.531 22.491  1.00 0.00 ? 121 HIS B CA 1 
ATOM 182 C CA . THR B 2 87 ? 14.664  -11.905 23.843  1.00 0.00 ? 122 THR B CA 1 
ATOM 183 C CA . SER B 2 88 ? 13.812  -12.170 27.531  1.00 0.00 ? 123 SER B CA 1 
ATOM 184 C CA . SER B 2 89 ? 12.797  -15.769 27.087  1.00 0.00 ? 124 SER B CA 1 
ATOM 185 C CA . LYS B 2 90 ? 16.514  -16.337 27.007  1.00 0.00 ? 125 LYS B CA 1 
ATOM 186 C CA . PRO C 3 1  ? -17.822 28.381  -26.058 1.00 0.00 ? 43  PRO C CA 1 
ATOM 187 C CA . GLY C 3 2  ? -16.057 25.766  -28.176 1.00 0.00 ? 44  GLY C CA 1 
ATOM 188 C CA . THR C 3 3  ? -13.512 28.387  -29.078 1.00 0.00 ? 45  THR C CA 1 
ATOM 189 C CA . VAL C 3 4  ? -12.556 29.606  -25.641 1.00 0.00 ? 46  VAL C CA 1 
ATOM 190 C CA . ALA C 3 5  ? -12.486 25.975  -24.440 1.00 0.00 ? 47  ALA C CA 1 
ATOM 191 C CA . LEU C 3 6  ? -9.971  24.515  -26.928 1.00 0.00 ? 48  LEU C CA 1 
ATOM 192 C CA . ARG C 3 7  ? -8.119  27.785  -26.594 1.00 0.00 ? 49  ARG C CA 1 
ATOM 193 C CA . GLU C 3 8  ? -7.364  27.296  -22.895 1.00 0.00 ? 50  GLU C CA 1 
ATOM 194 C CA . ILE C 3 9  ? -6.769  23.662  -23.645 1.00 0.00 ? 51  ILE C CA 1 
ATOM 195 C CA . ARG C 3 10 ? -4.079  24.699  -26.061 1.00 0.00 ? 52  ARG C CA 1 
ATOM 196 C CA . ARG C 3 11 ? -2.347  27.212  -23.792 1.00 0.00 ? 53  ARG C CA 1 
ATOM 197 C CA . TYR C 3 12 ? -2.306  24.931  -20.764 1.00 0.00 ? 54  TYR C CA 1 
ATOM 198 C CA . GLN C 3 13 ? -1.058  21.946  -22.716 1.00 0.00 ? 55  GLN C CA 1 
ATOM 199 C CA . LYS C 3 14 ? 1.906   24.024  -23.873 1.00 0.00 ? 56  LYS C CA 1 
ATOM 200 C CA . SER C 3 15 ? 2.517   24.808  -20.211 1.00 0.00 ? 57  SER C CA 1 
ATOM 201 C CA . THR C 3 16 ? 4.870   23.356  -17.678 1.00 0.00 ? 58  THR C CA 1 
ATOM 202 C CA . GLU C 3 17 ? 3.834   25.570  -14.729 1.00 0.00 ? 59  GLU C CA 1 
ATOM 203 C CA . LEU C 3 18 ? 2.348   24.511  -11.384 1.00 0.00 ? 60  LEU C CA 1 
ATOM 204 C CA . LEU C 3 19 ? -1.350  25.348  -11.718 1.00 0.00 ? 61  LEU C CA 1 
ATOM 205 C CA . ILE C 3 20 ? -1.954  25.276  -7.955  1.00 0.00 ? 62  ILE C CA 1 
ATOM 206 C CA . ARG C 3 21 ? -0.921  28.343  -6.011  1.00 0.00 ? 63  ARG C CA 1 
ATOM 207 C CA . LYS C 3 22 ? 2.029   27.291  -3.877  1.00 0.00 ? 64  LYS C CA 1 
ATOM 208 C CA . LEU C 3 23 ? 0.703   28.640  -0.556  1.00 0.00 ? 65  LEU C CA 1 
ATOM 209 C CA . PRO C 3 24 ? -2.715  27.080  -0.305  1.00 0.00 ? 66  PRO C CA 1 
ATOM 210 C CA . PHE C 3 25 ? -1.032  23.796  -1.260  1.00 0.00 ? 67  PHE C CA 1 
ATOM 211 C CA . GLN C 3 26 ? 1.811   24.233  1.166   1.00 0.00 ? 68  GLN C CA 1 
ATOM 212 C CA . ARG C 3 27 ? -0.844  24.453  3.808   1.00 0.00 ? 69  ARG C CA 1 
ATOM 213 C CA . LEU C 3 28 ? -2.573  21.206  2.740   1.00 0.00 ? 70  LEU C CA 1 
ATOM 214 C CA . VAL C 3 29 ? 0.572   19.084  3.038   1.00 0.00 ? 71  VAL C CA 1 
ATOM 215 C CA . ARG C 3 30 ? 1.020   20.672  6.422   1.00 0.00 ? 72  ARG C CA 1 
ATOM 216 C CA . GLU C 3 31 ? -2.667  20.223  7.440   1.00 0.00 ? 73  GLU C CA 1 
ATOM 217 C CA . ILE C 3 32 ? -2.156  16.486  6.821   1.00 0.00 ? 74  ILE C CA 1 
ATOM 218 C CA . ALA C 3 33 ? 1.353   15.556  8.000   1.00 0.00 ? 75  ALA C CA 1 
ATOM 219 C CA . GLN C 3 34 ? -0.014  16.821  11.239  1.00 0.00 ? 76  GLN C CA 1 
ATOM 220 C CA . ASP C 3 35 ? -2.734  14.159  11.256  1.00 0.00 ? 77  ASP C CA 1 
ATOM 221 C CA . PHE C 3 36 ? 0.202   11.720  11.459  1.00 0.00 ? 78  PHE C CA 1 
ATOM 222 C CA . LYS C 3 37 ? 3.032   13.227  13.436  1.00 0.00 ? 79  LYS C CA 1 
ATOM 223 C CA . THR C 3 38 ? 2.549   16.209  15.664  1.00 0.00 ? 80  THR C CA 1 
ATOM 224 C CA . ASP C 3 39 ? 6.215   17.258  15.332  1.00 0.00 ? 81  ASP C CA 1 
ATOM 225 C CA . LEU C 3 40 ? 6.775   16.887  11.563  1.00 0.00 ? 82  LEU C CA 1 
ATOM 226 C CA . ARG C 3 41 ? 8.117   19.538  9.146   1.00 0.00 ? 83  ARG C CA 1 
ATOM 227 C CA . PHE C 3 42 ? 8.603   19.315  5.366   1.00 0.00 ? 84  PHE C CA 1 
ATOM 228 C CA . GLN C 3 43 ? 11.469  20.628  3.225   1.00 0.00 ? 85  GLN C CA 1 
ATOM 229 C CA . SER C 3 44 ? 9.884   23.028  0.723   1.00 0.00 ? 86  SER C CA 1 
ATOM 230 C CA . SER C 3 45 ? 11.758  20.912  -1.768  1.00 0.00 ? 87  SER C CA 1 
ATOM 231 C CA . ALA C 3 46 ? 10.123  17.906  -0.168  1.00 0.00 ? 88  ALA C CA 1 
ATOM 232 C CA . VAL C 3 47 ? 6.814   19.740  -0.680  1.00 0.00 ? 89  VAL C CA 1 
ATOM 233 C CA . MET C 3 48 ? 7.585   20.797  -4.277  1.00 0.00 ? 90  MET C CA 1 
ATOM 234 C CA . ALA C 3 49 ? 7.799   17.142  -5.254  1.00 0.00 ? 91  ALA C CA 1 
ATOM 235 C CA . LEU C 3 50 ? 4.376   16.473  -3.687  1.00 0.00 ? 92  LEU C CA 1 
ATOM 236 C CA . GLN C 3 51 ? 2.848   19.213  -5.851  1.00 0.00 ? 93  GLN C CA 1 
ATOM 237 C CA . GLU C 3 52 ? 4.708   18.050  -8.935  1.00 0.00 ? 94  GLU C CA 1 
ATOM 238 C CA . ALA C 3 53 ? 3.362   14.552  -8.262  1.00 0.00 ? 95  ALA C CA 1 
ATOM 239 C CA . SER C 3 54 ? -0.093  15.718  -7.213  1.00 0.00 ? 96  SER C CA 1 
ATOM 240 C CA . GLU C 3 55 ? -0.819  17.950  -10.188 1.00 0.00 ? 97  GLU C CA 1 
ATOM 241 C CA . ALA C 3 56 ? 0.725   15.459  -12.567 1.00 0.00 ? 98  ALA C CA 1 
ATOM 242 C CA . TYR C 3 57 ? -1.436  12.868  -10.882 1.00 0.00 ? 99  TYR C CA 1 
ATOM 243 C CA . LEU C 3 58 ? -4.520  15.016  -11.397 1.00 0.00 ? 100 LEU C CA 1 
ATOM 244 C CA . VAL C 3 59 ? -3.930  15.888  -15.055 1.00 0.00 ? 101 VAL C CA 1 
ATOM 245 C CA . GLY C 3 60 ? -3.553  12.229  -15.957 1.00 0.00 ? 102 GLY C CA 1 
ATOM 246 C CA . LEU C 3 61 ? -6.679  11.480  -13.991 1.00 0.00 ? 103 LEU C CA 1 
ATOM 247 C CA . PHE C 3 62 ? -8.214  14.236  -16.069 1.00 0.00 ? 104 PHE C CA 1 
ATOM 248 C CA . GLU C 3 63 ? -7.149  12.639  -19.334 1.00 0.00 ? 105 GLU C CA 1 
ATOM 249 C CA . ASP C 3 64 ? -8.743  9.312   -18.337 1.00 0.00 ? 106 ASP C CA 1 
ATOM 250 C CA . THR C 3 65 ? -11.895 10.992  -17.130 1.00 0.00 ? 107 THR C CA 1 
ATOM 251 C CA . ASN C 3 66 ? -12.113 12.798  -20.429 1.00 0.00 ? 108 ASN C CA 1 
ATOM 252 C CA . LEU C 3 67 ? -12.014 9.447   -22.222 1.00 0.00 ? 109 LEU C CA 1 
ATOM 253 C CA . CYS C 3 68 ? -14.885 8.128   -20.114 1.00 0.00 ? 110 CYS C CA 1 
ATOM 254 C CA . ALA C 3 69 ? -17.077 11.132  -20.930 1.00 0.00 ? 111 ALA C CA 1 
ATOM 255 C CA . ILE C 3 70 ? -16.365 10.757  -24.578 1.00 0.00 ? 112 ILE C CA 1 
ATOM 256 C CA . HIS C 3 71 ? -17.338 7.116   -24.158 1.00 0.00 ? 113 HIS C CA 1 
ATOM 257 C CA . ALA C 3 72 ? -20.708 8.507   -23.230 1.00 0.00 ? 114 ALA C CA 1 
ATOM 258 C CA . LYS C 3 73 ? -21.167 10.828  -26.184 1.00 0.00 ? 115 LYS C CA 1 
ATOM 259 C CA . ARG C 3 74 ? -21.159 13.542  -23.612 1.00 0.00 ? 116 ARG C CA 1 
ATOM 260 C CA . VAL C 3 75 ? -18.179 15.914  -23.712 1.00 0.00 ? 117 VAL C CA 1 
ATOM 261 C CA . THR C 3 76 ? -18.741 17.650  -20.391 1.00 0.00 ? 118 THR C CA 1 
ATOM 262 C CA . ILE C 3 77 ? -17.023 15.629  -17.602 1.00 0.00 ? 119 ILE C CA 1 
ATOM 263 C CA . MET C 3 78 ? -18.883 14.369  -14.509 1.00 0.00 ? 120 MET C CA 1 
ATOM 264 C CA . PRO C 3 79 ? -18.219 12.737  -11.168 1.00 0.00 ? 121 PRO C CA 1 
ATOM 265 C CA . LYS C 3 80 ? -19.321 9.480   -12.813 1.00 0.00 ? 122 LYS C CA 1 
ATOM 266 C CA . ASP C 3 81 ? -16.257 9.539   -15.055 1.00 0.00 ? 123 ASP C CA 1 
ATOM 267 C CA . ILE C 3 82 ? -13.661 10.350  -12.460 1.00 0.00 ? 124 ILE C CA 1 
ATOM 268 C CA . GLU C 3 83 ? -15.210 7.453   -10.590 1.00 0.00 ? 125 GLU C CA 1 
ATOM 269 C CA . LEU C 3 84 ? -15.366 5.113   -13.571 1.00 0.00 ? 126 LEU C CA 1 
ATOM 270 C CA . ALA C 3 85 ? -11.783 5.862   -14.544 1.00 0.00 ? 127 ALA C CA 1 
ATOM 271 C CA . ARG C 3 86 ? -10.511 5.466   -10.972 1.00 0.00 ? 128 ARG C CA 1 
ATOM 272 C CA . ARG C 3 87 ? -12.413 2.178   -10.915 1.00 0.00 ? 129 ARG C CA 1 
ATOM 273 C CA . ILE C 3 88 ? -10.608 0.571   -13.862 1.00 0.00 ? 130 ILE C CA 1 
ATOM 274 C CA . ARG C 3 89 ? -7.498  2.354   -12.705 1.00 0.00 ? 131 ARG C CA 1 
ATOM 275 C CA . GLY C 3 90 ? -7.820  0.177   -9.613  1.00 0.00 ? 132 GLY C CA 1 
ATOM 276 C CA . GLU C 3 91 ? -8.003  3.129   -7.225  1.00 0.00 ? 133 GLU C CA 1 
ATOM 277 C CA . ARG C 3 92 ? -9.599  2.850   -3.803  1.00 0.00 ? 134 ARG C CA 1 
ATOM 278 C CA . ALA C 3 93 ? -10.386 5.462   -1.157  1.00 0.00 ? 135 ALA C CA 1 
ATOM 279 C CA . GLN D 4 1  ? -10.371 23.010  0.097   1.00 0.00 ? 27  GLN D CA 1 
ATOM 280 C CA . GLY D 4 2  ? -8.616  26.165  -1.046  1.00 0.00 ? 28  GLY D CA 1 
ATOM 281 C CA . ILE D 4 3  ? -7.531  24.296  -4.201  1.00 0.00 ? 29  ILE D CA 1 
ATOM 282 C CA . THR D 4 4  ? -9.983  26.098  -6.534  1.00 0.00 ? 30  THR D CA 1 
ATOM 283 C CA . LYS D 4 5  ? -11.981 26.061  -9.724  1.00 0.00 ? 31  LYS D CA 1 
ATOM 284 C CA . PRO D 4 6  ? -9.665  28.000  -12.027 1.00 0.00 ? 32  PRO D CA 1 
ATOM 285 C CA . ALA D 4 7  ? -6.895  25.677  -10.827 1.00 0.00 ? 33  ALA D CA 1 
ATOM 286 C CA . ILE D 4 8  ? -8.925  22.453  -10.983 1.00 0.00 ? 34  ILE D CA 1 
ATOM 287 C CA . ARG D 4 9  ? -10.185 23.967  -14.210 1.00 0.00 ? 35  ARG D CA 1 
ATOM 288 C CA . ARG D 4 10 ? -6.665  24.489  -15.640 1.00 0.00 ? 36  ARG D CA 1 
ATOM 289 C CA . LEU D 4 11 ? -5.550  20.947  -14.782 1.00 0.00 ? 37  LEU D CA 1 
ATOM 290 C CA . ALA D 4 12 ? -8.673  19.714  -16.507 1.00 0.00 ? 38  ALA D CA 1 
ATOM 291 C CA . ARG D 4 13 ? -7.509  21.857  -19.403 1.00 0.00 ? 39  ARG D CA 1 
ATOM 292 C CA . ARG D 4 14 ? -4.038  20.405  -19.566 1.00 0.00 ? 40  ARG D CA 1 
ATOM 293 C CA . GLY D 4 15 ? -5.844  17.068  -19.344 1.00 0.00 ? 41  GLY D CA 1 
ATOM 294 C CA . GLY D 4 16 ? -7.479  18.121  -22.565 1.00 0.00 ? 42  GLY D CA 1 
ATOM 295 C CA . VAL D 4 17 ? -10.943 18.462  -21.024 1.00 0.00 ? 43  VAL D CA 1 
ATOM 296 C CA . LYS D 4 18 ? -13.334 20.895  -22.749 1.00 0.00 ? 44  LYS D CA 1 
ATOM 297 C CA . ARG D 4 19 ? -16.352 21.008  -20.412 1.00 0.00 ? 45  ARG D CA 1 
ATOM 298 C CA . ILE D 4 20 ? -16.064 20.410  -16.678 1.00 0.00 ? 46  ILE D CA 1 
ATOM 299 C CA . SER D 4 21 ? -19.291 19.794  -14.707 1.00 0.00 ? 47  SER D CA 1 
ATOM 300 C CA . GLY D 4 22 ? -19.717 22.032  -11.682 1.00 0.00 ? 48  GLY D CA 1 
ATOM 301 C CA . LEU D 4 23 ? -19.550 19.007  -9.428  1.00 0.00 ? 49  LEU D CA 1 
ATOM 302 C CA . ILE D 4 24 ? -16.129 17.802  -10.542 1.00 0.00 ? 50  ILE D CA 1 
ATOM 303 C CA . TYR D 4 25 ? -14.390 20.625  -8.651  1.00 0.00 ? 51  TYR D CA 1 
ATOM 304 C CA . GLU D 4 26 ? -15.371 19.156  -5.311  1.00 0.00 ? 52  GLU D CA 1 
ATOM 305 C CA . GLU D 4 27 ? -15.025 15.623  -6.636  1.00 0.00 ? 53  GLU D CA 1 
ATOM 306 C CA . THR D 4 28 ? -11.428 16.368  -7.621  1.00 0.00 ? 54  THR D CA 1 
ATOM 307 C CA . ARG D 4 29 ? -10.751 17.954  -4.234  1.00 0.00 ? 55  ARG D CA 1 
ATOM 308 C CA . GLY D 4 30 ? -11.828 14.587  -2.832  1.00 0.00 ? 56  GLY D CA 1 
ATOM 309 C CA . VAL D 4 31 ? -9.285  12.533  -4.723  1.00 0.00 ? 57  VAL D CA 1 
ATOM 310 C CA . LEU D 4 32 ? -6.532  15.150  -4.427  1.00 0.00 ? 58  LEU D CA 1 
ATOM 311 C CA . LYS D 4 33 ? -7.003  14.810  -0.661  1.00 0.00 ? 59  LYS D CA 1 
ATOM 312 C CA . VAL D 4 34 ? -6.756  11.044  -0.645  1.00 0.00 ? 60  VAL D CA 1 
ATOM 313 C CA . PHE D 4 35 ? -3.798  10.905  -3.043  1.00 0.00 ? 61  PHE D CA 1 
ATOM 314 C CA . LEU D 4 36 ? -2.027  13.293  -0.655  1.00 0.00 ? 62  LEU D CA 1 
ATOM 315 C CA . GLU D 4 37 ? -2.711  11.440  2.602   1.00 0.00 ? 63  GLU D CA 1 
ATOM 316 C CA . ASN D 4 38 ? -1.617  8.127   1.178   1.00 0.00 ? 64  ASN D CA 1 
ATOM 317 C CA . VAL D 4 39 ? 1.557   9.725   -0.049  1.00 0.00 ? 65  VAL D CA 1 
ATOM 318 C CA . ILE D 4 40 ? 2.372   11.693  3.074   1.00 0.00 ? 66  ILE D CA 1 
ATOM 319 C CA . ARG D 4 41 ? 1.340   8.774   5.219   1.00 0.00 ? 67  ARG D CA 1 
ATOM 320 C CA . ASP D 4 42 ? 4.240   6.749   3.828   1.00 0.00 ? 68  ASP D CA 1 
ATOM 321 C CA . ALA D 4 43 ? 6.467   9.824   3.461   1.00 0.00 ? 69  ALA D CA 1 
ATOM 322 C CA . VAL D 4 44 ? 6.716   10.253  7.225   1.00 0.00 ? 70  VAL D CA 1 
ATOM 323 C CA . THR D 4 45 ? 6.712   6.512   7.848   1.00 0.00 ? 71  THR D CA 1 
ATOM 324 C CA . TYR D 4 46 ? 9.963   6.700   5.922   1.00 0.00 ? 72  TYR D CA 1 
ATOM 325 C CA . THR D 4 47 ? 11.008  9.866   7.772   1.00 0.00 ? 73  THR D CA 1 
ATOM 326 C CA . GLU D 4 48 ? 10.213  8.485   11.227  1.00 0.00 ? 74  GLU D CA 1 
ATOM 327 C CA . HIS D 4 49 ? 12.240  5.324   10.605  1.00 0.00 ? 75  HIS D CA 1 
ATOM 328 C CA . ALA D 4 50 ? 15.218  7.374   9.645   1.00 0.00 ? 76  ALA D CA 1 
ATOM 329 C CA . LYS D 4 51 ? 15.164  9.060   13.035  1.00 0.00 ? 77  LYS D CA 1 
ATOM 330 C CA . ARG D 4 52 ? 14.377  12.478  11.550  1.00 0.00 ? 78  ARG D CA 1 
ATOM 331 C CA . LYS D 4 53 ? 11.479  14.874  12.207  1.00 0.00 ? 79  LYS D CA 1 
ATOM 332 C CA . THR D 4 54 ? 11.729  16.671  8.882   1.00 0.00 ? 80  THR D CA 1 
ATOM 333 C CA . VAL D 4 55 ? 10.272  15.053  5.757   1.00 0.00 ? 81  VAL D CA 1 
ATOM 334 C CA . THR D 4 56 ? 12.699  15.404  2.852   1.00 0.00 ? 82  THR D CA 1 
ATOM 335 C CA . ALA D 4 57 ? 12.354  15.306  -0.933  1.00 0.00 ? 83  ALA D CA 1 
ATOM 336 C CA . MET D 4 58 ? 13.693  11.736  -0.892  1.00 0.00 ? 84  MET D CA 1 
ATOM 337 C CA . ASP D 4 59 ? 10.885  10.629  1.480   1.00 0.00 ? 85  ASP D CA 1 
ATOM 338 C CA . VAL D 4 60 ? 8.336   11.888  -1.034  1.00 0.00 ? 86  VAL D CA 1 
ATOM 339 C CA . VAL D 4 61 ? 10.405  10.120  -3.633  1.00 0.00 ? 87  VAL D CA 1 
ATOM 340 C CA . TYR D 4 62 ? 10.620  6.763   -1.844  1.00 0.00 ? 88  TYR D CA 1 
ATOM 341 C CA . ALA D 4 63 ? 7.000   7.407   -0.883  1.00 0.00 ? 89  ALA D CA 1 
ATOM 342 C CA . LEU D 4 64 ? 5.764   7.855   -4.469  1.00 0.00 ? 90  LEU D CA 1 
ATOM 343 C CA . LYS D 4 65 ? 7.818   4.785   -5.524  1.00 0.00 ? 91  LYS D CA 1 
ATOM 344 C CA . ARG D 4 66 ? 5.638   2.643   -3.237  1.00 0.00 ? 92  ARG D CA 1 
ATOM 345 C CA . GLN D 4 67 ? 2.544   4.256   -4.730  1.00 0.00 ? 93  GLN D CA 1 
ATOM 346 C CA . GLY D 4 68 ? 4.113   3.187   -7.986  1.00 0.00 ? 94  GLY D CA 1 
ATOM 347 C CA . ARG D 4 69 ? 4.563   6.804   -9.191  1.00 0.00 ? 95  ARG D CA 1 
ATOM 348 C CA . THR D 4 70 ? 8.190   7.610   -10.054 1.00 0.00 ? 96  THR D CA 1 
ATOM 349 C CA . LEU D 4 71 ? 9.117   11.297  -9.922  1.00 0.00 ? 97  LEU D CA 1 
ATOM 350 C CA . TYR D 4 72 ? 12.216  12.504  -11.740 1.00 0.00 ? 98  TYR D CA 1 
ATOM 351 C CA . GLY D 4 73 ? 13.908  15.668  -10.602 1.00 0.00 ? 99  GLY D CA 1 
ATOM 352 C CA . PHE D 4 74 ? 14.584  15.408  -6.871  1.00 0.00 ? 100 PHE D CA 1 
ATOM 353 C CA . GLY D 4 75 ? 17.310  12.785  -7.360  1.00 0.00 ? 101 GLY D CA 1 
ATOM 354 C CA . GLY D 4 76 ? 16.648  9.016   -7.606  1.00 0.00 ? 102 GLY D CA 1 
# 
